data_3CR9
#
_entry.id   3CR9
#
_cell.length_a   85.946
_cell.length_b   99.497
_cell.length_c   102.415
_cell.angle_alpha   90.00
_cell.angle_beta   90.00
_cell.angle_gamma   90.00
#
_symmetry.space_group_name_H-M   'P 21 21 21'
#
loop_
_entity.id
_entity.type
_entity.pdbx_description
1 polymer Lactotransferrin
2 non-polymer alpha-D-glucopyranose
3 non-polymer 'FE (III) ION'
#
_entity_poly.entity_id   1
_entity_poly.type   'polypeptide(L)'
_entity_poly.pdbx_seq_one_letter_code
;APRKSVRWCTISPAEAAKCAKFQRNMKKVRGPSVSCIRKTSSFECIQAIAANKADAVTLDGGLVYEAGLHPYKLRPVAAE
VYQTRGKPQTRYYAVAVVKKGSGFQLNQLQGVKSCHTGLGRSAGWNIPIGTLRPYLNWTGPPEPLQKAVANFFSASCVPC
ADGKQYPNLCRLCAGTEADKCACSSQEPYFGYSGAFKCLENGAGDVAFVKDSTVFENLPDEAERDKYELLCPDNTRKPVD
AFKECHLARVPSHAVVARSVDGREDLIWKLLHRAQEEFGRNKSSAFQLFGSTPGEQDLLFKDSALGFVRIPSQIDSGLYL
GANYLTATQNLRETAAEVAARRERVVWCAVGPEEERKCKQWSDVSNRKVACASASTTEECIALVLKGEADALNLDGGFIY
VAGKCGLVPVLAENQKSQNSNAPDCVHRPPEGYLAVAVVRKSDADLTWNSLSGKKSCHTGVGRTAAWNIPMGLLFNQTGS
CKFDKFFSQSCAPGADPQSSLCALCVGNNENENKCMPNSEERYYGYTGAFRCLAEKAGDVAFVKDVTVLQNTDGKNSEPW
AKDLKQEDFELLCLDGTRKPVAEAESCHLARAPNHAVVSQSDRAQHLKKVLFLQQDQFGGNGPDCPGKFCLFKSETKNLL
FNDNTECLAELQGKTTYEQYLGSEYVTSITNLRRCSSSPLLEACAFLRA
;
_entity_poly.pdbx_strand_id   A
#
# COMPACT_ATOMS: atom_id res chain seq x y z
N ALA A 1 -22.12 -8.88 -28.52
CA ALA A 1 -22.10 -9.95 -27.49
C ALA A 1 -20.71 -10.59 -27.33
N PRO A 2 -20.11 -11.08 -28.45
CA PRO A 2 -18.79 -11.73 -28.44
C PRO A 2 -17.63 -10.86 -27.90
N ARG A 3 -16.67 -11.51 -27.24
CA ARG A 3 -15.49 -10.84 -26.69
C ARG A 3 -14.25 -11.53 -27.31
N LYS A 4 -13.28 -10.74 -27.75
CA LYS A 4 -12.07 -11.25 -28.43
C LYS A 4 -11.05 -12.09 -27.65
N SER A 5 -9.87 -12.25 -28.27
CA SER A 5 -8.78 -13.06 -27.72
C SER A 5 -7.62 -12.34 -27.03
N VAL A 6 -7.14 -12.96 -25.96
CA VAL A 6 -6.01 -12.44 -25.21
C VAL A 6 -4.75 -12.65 -26.03
N ARG A 7 -4.02 -11.57 -26.30
CA ARG A 7 -2.78 -11.68 -27.05
C ARG A 7 -1.60 -11.81 -26.10
N TRP A 8 -1.05 -13.01 -25.95
CA TRP A 8 0.08 -13.19 -25.03
C TRP A 8 1.36 -12.93 -25.78
N CYS A 9 2.25 -12.19 -25.14
CA CYS A 9 3.54 -11.81 -25.72
C CYS A 9 4.69 -12.73 -25.29
N THR A 10 5.33 -13.38 -26.25
CA THR A 10 6.44 -14.30 -25.97
C THR A 10 7.77 -13.65 -26.29
N ILE A 11 8.85 -14.17 -25.68
CA ILE A 11 10.19 -13.61 -25.87
C ILE A 11 11.23 -14.44 -26.65
N SER A 12 10.91 -15.70 -26.94
CA SER A 12 11.84 -16.54 -27.69
C SER A 12 11.10 -17.71 -28.34
N PRO A 13 11.70 -18.31 -29.38
CA PRO A 13 11.10 -19.44 -30.10
C PRO A 13 10.54 -20.50 -29.17
N ALA A 14 11.33 -20.84 -28.16
CA ALA A 14 10.89 -21.84 -27.20
C ALA A 14 9.59 -21.37 -26.57
N GLU A 15 9.53 -20.08 -26.20
CA GLU A 15 8.34 -19.55 -25.58
C GLU A 15 7.17 -19.53 -26.57
N ALA A 16 7.41 -19.16 -27.82
CA ALA A 16 6.30 -19.14 -28.76
C ALA A 16 5.72 -20.54 -28.86
N ALA A 17 6.58 -21.50 -29.15
CA ALA A 17 6.18 -22.91 -29.27
C ALA A 17 5.25 -23.31 -28.13
N LYS A 18 5.70 -23.08 -26.90
CA LYS A 18 4.90 -23.41 -25.72
C LYS A 18 3.56 -22.71 -25.84
N CYS A 19 3.61 -21.42 -26.19
CA CYS A 19 2.41 -20.63 -26.32
C CYS A 19 1.46 -21.26 -27.32
N ALA A 20 2.00 -21.70 -28.46
CA ALA A 20 1.18 -22.33 -29.49
C ALA A 20 0.52 -23.59 -28.94
N LYS A 21 1.31 -24.42 -28.28
CA LYS A 21 0.81 -25.65 -27.69
C LYS A 21 -0.34 -25.23 -26.78
N PHE A 22 -0.13 -24.12 -26.06
CA PHE A 22 -1.12 -23.54 -25.15
C PHE A 22 -2.40 -23.15 -25.90
N GLN A 23 -2.26 -22.44 -27.02
CA GLN A 23 -3.43 -22.03 -27.81
C GLN A 23 -4.18 -23.25 -28.34
N ARG A 24 -3.40 -24.17 -28.91
CA ARG A 24 -3.88 -25.42 -29.47
C ARG A 24 -4.82 -26.10 -28.45
N ASN A 25 -4.25 -26.55 -27.35
CA ASN A 25 -5.00 -27.23 -26.31
C ASN A 25 -6.14 -26.45 -25.71
N MET A 26 -6.09 -25.14 -25.78
CA MET A 26 -7.14 -24.30 -25.22
C MET A 26 -8.39 -24.42 -26.07
N LYS A 27 -8.18 -24.34 -27.38
CA LYS A 27 -9.23 -24.45 -28.38
C LYS A 27 -9.82 -25.87 -28.38
N LYS A 28 -8.96 -26.85 -28.10
CA LYS A 28 -9.37 -28.25 -28.05
C LYS A 28 -10.24 -28.52 -26.83
N VAL A 29 -10.14 -27.65 -25.83
CA VAL A 29 -10.93 -27.78 -24.60
C VAL A 29 -12.18 -26.93 -24.78
N ARG A 30 -12.20 -26.20 -25.88
CA ARG A 30 -13.35 -25.36 -26.17
C ARG A 30 -13.51 -24.39 -25.00
N GLY A 31 -12.49 -23.55 -24.83
CA GLY A 31 -12.46 -22.56 -23.78
C GLY A 31 -11.90 -21.29 -24.39
N PRO A 32 -11.66 -20.23 -23.58
CA PRO A 32 -11.12 -18.94 -24.02
C PRO A 32 -9.96 -19.04 -24.99
N SER A 33 -10.02 -18.24 -26.05
CA SER A 33 -9.00 -18.22 -27.08
C SER A 33 -7.77 -17.38 -26.76
N VAL A 34 -6.60 -17.90 -27.13
CA VAL A 34 -5.34 -17.22 -26.90
C VAL A 34 -4.77 -16.86 -28.25
N SER A 35 -3.70 -16.08 -28.25
CA SER A 35 -3.01 -15.66 -29.46
C SER A 35 -1.57 -15.41 -29.05
N CYS A 36 -0.61 -15.75 -29.91
CA CYS A 36 0.79 -15.56 -29.55
C CYS A 36 1.56 -14.58 -30.40
N ILE A 37 1.94 -13.45 -29.80
CA ILE A 37 2.72 -12.42 -30.47
C ILE A 37 4.17 -12.67 -30.05
N ARG A 38 5.12 -12.35 -30.92
CA ARG A 38 6.53 -12.61 -30.62
C ARG A 38 7.41 -11.38 -30.64
N LYS A 39 7.95 -11.00 -29.49
CA LYS A 39 8.89 -9.89 -29.46
C LYS A 39 10.14 -10.55 -28.84
N THR A 40 11.20 -9.80 -28.56
CA THR A 40 12.39 -10.49 -28.09
C THR A 40 12.85 -10.44 -26.64
N SER A 41 12.10 -9.75 -25.78
CA SER A 41 12.49 -9.66 -24.39
C SER A 41 11.30 -9.19 -23.59
N SER A 42 11.32 -9.51 -22.31
CA SER A 42 10.24 -9.11 -21.44
C SER A 42 10.09 -7.60 -21.55
N PHE A 43 11.20 -6.88 -21.62
CA PHE A 43 11.16 -5.44 -21.72
C PHE A 43 10.39 -5.01 -22.94
N GLU A 44 10.55 -5.75 -24.02
CA GLU A 44 9.88 -5.44 -25.27
C GLU A 44 8.37 -5.72 -25.22
N CYS A 45 7.97 -6.76 -24.52
CA CYS A 45 6.57 -7.08 -24.40
C CYS A 45 5.90 -5.95 -23.66
N ILE A 46 6.56 -5.51 -22.59
CA ILE A 46 6.08 -4.39 -21.79
C ILE A 46 5.70 -3.26 -22.74
N GLN A 47 6.61 -2.92 -23.66
CA GLN A 47 6.36 -1.86 -24.64
C GLN A 47 5.24 -2.27 -25.59
N ALA A 48 5.31 -3.50 -26.07
CA ALA A 48 4.30 -4.04 -26.97
C ALA A 48 2.91 -3.87 -26.35
N ILE A 49 2.75 -4.42 -25.17
CA ILE A 49 1.50 -4.39 -24.42
C ILE A 49 0.89 -2.97 -24.30
N ALA A 50 1.70 -2.00 -23.90
CA ALA A 50 1.21 -0.62 -23.74
C ALA A 50 0.77 0.03 -25.03
N ALA A 51 1.31 -0.43 -26.15
CA ALA A 51 0.97 0.12 -27.46
C ALA A 51 -0.15 -0.66 -28.13
N ASN A 52 -0.81 -1.51 -27.36
CA ASN A 52 -1.90 -2.33 -27.84
C ASN A 52 -1.48 -3.32 -28.92
N LYS A 53 -0.18 -3.65 -28.96
CA LYS A 53 0.30 -4.64 -29.91
C LYS A 53 -0.01 -6.01 -29.26
N ALA A 54 0.01 -6.08 -27.92
CA ALA A 54 -0.29 -7.31 -27.16
C ALA A 54 -1.16 -6.99 -25.94
N ASP A 55 -1.37 -7.96 -25.06
CA ASP A 55 -2.21 -7.73 -23.90
C ASP A 55 -1.64 -8.18 -22.56
N ALA A 56 -0.91 -9.28 -22.57
CA ALA A 56 -0.38 -9.82 -21.32
C ALA A 56 1.05 -10.35 -21.37
N VAL A 57 1.68 -10.41 -20.19
CA VAL A 57 3.03 -10.94 -20.01
C VAL A 57 3.20 -11.29 -18.56
N THR A 58 3.95 -12.33 -18.29
CA THR A 58 4.24 -12.68 -16.91
C THR A 58 5.53 -11.87 -16.69
N LEU A 59 5.67 -11.23 -15.54
CA LEU A 59 6.88 -10.45 -15.25
C LEU A 59 7.32 -10.69 -13.80
N ASP A 60 8.64 -10.69 -13.57
CA ASP A 60 9.22 -10.88 -12.23
C ASP A 60 8.99 -9.55 -11.49
N GLY A 61 8.94 -9.56 -10.16
CA GLY A 61 8.69 -8.34 -9.42
C GLY A 61 9.42 -7.12 -9.96
N GLY A 62 10.67 -7.33 -10.34
CA GLY A 62 11.49 -6.26 -10.85
C GLY A 62 11.01 -5.56 -12.11
N LEU A 63 10.49 -6.32 -13.07
CA LEU A 63 10.00 -5.73 -14.30
C LEU A 63 8.61 -5.14 -14.11
N VAL A 64 7.84 -5.72 -13.18
CA VAL A 64 6.51 -5.20 -12.91
C VAL A 64 6.81 -3.75 -12.61
N TYR A 65 7.87 -3.53 -11.85
CA TYR A 65 8.22 -2.18 -11.51
C TYR A 65 8.26 -1.26 -12.75
N GLU A 66 9.25 -1.44 -13.62
CA GLU A 66 9.35 -0.58 -14.81
C GLU A 66 8.09 -0.61 -15.64
N ALA A 67 7.46 -1.77 -15.75
CA ALA A 67 6.24 -1.85 -16.53
C ALA A 67 5.26 -0.79 -16.03
N GLY A 68 5.28 -0.55 -14.73
CA GLY A 68 4.39 0.45 -14.14
C GLY A 68 4.87 1.88 -14.27
N LEU A 69 6.15 2.06 -14.62
CA LEU A 69 6.69 3.41 -14.80
C LEU A 69 5.83 4.14 -15.81
N HIS A 70 5.75 5.44 -15.62
CA HIS A 70 4.93 6.29 -16.45
C HIS A 70 4.62 5.97 -17.92
N PRO A 71 5.59 6.16 -18.85
CA PRO A 71 5.22 5.86 -20.24
C PRO A 71 4.37 4.64 -20.51
N TYR A 72 4.51 3.61 -19.69
CA TYR A 72 3.78 2.37 -19.90
C TYR A 72 2.53 2.17 -19.04
N LYS A 73 2.60 2.59 -17.79
CA LYS A 73 1.51 2.42 -16.83
C LYS A 73 0.75 1.11 -17.05
N LEU A 74 1.40 0.01 -16.70
CA LEU A 74 0.80 -1.30 -16.79
C LEU A 74 0.52 -1.69 -15.35
N ARG A 75 -0.37 -2.63 -15.11
CA ARG A 75 -0.63 -3.04 -13.75
C ARG A 75 -0.78 -4.55 -13.64
N PRO A 76 -0.38 -5.12 -12.49
CA PRO A 76 -0.44 -6.57 -12.22
C PRO A 76 -1.85 -7.09 -12.05
N VAL A 77 -2.26 -7.95 -12.95
CA VAL A 77 -3.59 -8.52 -12.90
C VAL A 77 -3.70 -9.79 -12.05
N ALA A 78 -2.76 -10.72 -12.22
CA ALA A 78 -2.80 -11.96 -11.45
C ALA A 78 -1.43 -12.35 -11.00
N ALA A 79 -1.32 -12.70 -9.72
CA ALA A 79 -0.03 -13.09 -9.19
C ALA A 79 0.06 -14.60 -9.19
N GLU A 80 1.26 -15.09 -9.48
CA GLU A 80 1.56 -16.51 -9.49
C GLU A 80 1.66 -17.00 -8.03
N VAL A 81 1.19 -18.22 -7.78
CA VAL A 81 1.27 -18.80 -6.45
C VAL A 81 2.37 -19.86 -6.48
N TYR A 82 3.15 -19.95 -5.41
CA TYR A 82 4.23 -20.93 -5.35
C TYR A 82 4.08 -21.69 -4.00
N GLN A 83 4.54 -22.95 -3.89
CA GLN A 83 4.57 -23.61 -2.55
C GLN A 83 5.85 -24.39 -2.38
N THR A 84 6.66 -24.05 -1.39
CA THR A 84 7.88 -24.81 -1.16
C THR A 84 7.69 -25.49 0.20
N ARG A 85 6.49 -26.04 0.30
CA ARG A 85 5.87 -26.80 1.39
C ARG A 85 5.37 -26.08 2.60
N GLY A 86 4.75 -24.97 2.31
CA GLY A 86 4.14 -24.25 3.37
C GLY A 86 2.84 -24.00 2.67
N LYS A 87 2.34 -22.86 3.05
CA LYS A 87 1.14 -22.28 2.58
C LYS A 87 1.63 -21.81 1.22
N PRO A 88 0.92 -22.17 0.13
CA PRO A 88 1.45 -21.66 -1.14
C PRO A 88 1.64 -20.17 -0.84
N GLN A 89 2.55 -19.51 -1.53
CA GLN A 89 2.70 -18.11 -1.22
C GLN A 89 2.77 -17.26 -2.45
N THR A 90 2.51 -15.98 -2.26
CA THR A 90 2.58 -15.07 -3.36
C THR A 90 3.86 -14.27 -3.16
N ARG A 91 4.78 -14.85 -2.41
CA ARG A 91 6.07 -14.22 -2.17
C ARG A 91 7.10 -15.35 -2.24
N TYR A 92 8.36 -14.96 -2.36
CA TYR A 92 9.45 -15.91 -2.36
C TYR A 92 10.73 -15.22 -1.92
N TYR A 93 11.64 -16.03 -1.41
CA TYR A 93 12.91 -15.56 -0.89
C TYR A 93 14.00 -15.58 -1.95
N ALA A 94 14.73 -14.49 -2.07
CA ALA A 94 15.82 -14.42 -3.04
C ALA A 94 17.03 -14.90 -2.27
N VAL A 95 17.85 -15.74 -2.90
CA VAL A 95 19.03 -16.24 -2.21
C VAL A 95 20.30 -16.21 -3.08
N ALA A 96 21.43 -16.46 -2.44
CA ALA A 96 22.74 -16.50 -3.10
C ALA A 96 23.31 -17.89 -2.87
N VAL A 97 23.40 -18.66 -3.95
CA VAL A 97 23.92 -20.03 -3.89
C VAL A 97 25.37 -20.19 -4.31
N VAL A 98 26.14 -20.95 -3.54
CA VAL A 98 27.54 -21.17 -3.87
C VAL A 98 27.92 -22.61 -3.60
N LYS A 99 29.02 -23.07 -4.16
CA LYS A 99 29.49 -24.44 -3.94
C LYS A 99 30.28 -24.48 -2.62
N LYS A 100 30.23 -25.60 -1.90
CA LYS A 100 30.96 -25.69 -0.64
C LYS A 100 32.46 -25.68 -0.94
N GLY A 101 33.25 -25.18 0.01
CA GLY A 101 34.68 -25.14 -0.20
C GLY A 101 35.13 -23.96 -1.05
N SER A 102 34.31 -22.93 -1.13
CA SER A 102 34.64 -21.76 -1.92
C SER A 102 35.16 -20.66 -1.02
N GLY A 103 34.84 -20.79 0.27
CA GLY A 103 35.31 -19.83 1.24
C GLY A 103 34.68 -18.47 1.35
N PHE A 104 34.31 -17.81 0.24
CA PHE A 104 33.75 -16.45 0.38
C PHE A 104 32.71 -16.41 1.48
N GLN A 105 32.32 -15.17 1.78
CA GLN A 105 31.22 -14.86 2.67
C GLN A 105 30.56 -13.76 1.85
N LEU A 106 29.37 -13.31 2.21
CA LEU A 106 28.74 -12.28 1.41
C LEU A 106 29.52 -10.96 1.29
N ASN A 107 30.39 -10.67 2.25
CA ASN A 107 31.16 -9.42 2.20
C ASN A 107 32.52 -9.56 1.51
N GLN A 108 32.73 -10.64 0.78
CA GLN A 108 34.01 -10.84 0.11
C GLN A 108 33.87 -11.13 -1.37
N LEU A 109 32.69 -10.84 -1.94
CA LEU A 109 32.44 -11.13 -3.35
C LEU A 109 33.30 -10.37 -4.36
N GLN A 110 34.00 -9.33 -3.91
CA GLN A 110 34.85 -8.53 -4.79
C GLN A 110 35.80 -9.42 -5.56
N GLY A 111 35.65 -9.43 -6.88
CA GLY A 111 36.54 -10.23 -7.71
C GLY A 111 36.08 -11.65 -8.01
N VAL A 112 34.88 -11.96 -7.55
CA VAL A 112 34.34 -13.29 -7.80
C VAL A 112 33.64 -13.32 -9.15
N LYS A 113 33.43 -14.51 -9.70
CA LYS A 113 32.72 -14.62 -10.96
C LYS A 113 31.26 -14.80 -10.52
N SER A 114 30.31 -14.15 -11.16
CA SER A 114 28.93 -14.30 -10.71
C SER A 114 27.93 -14.54 -11.81
N CYS A 115 26.90 -15.32 -11.50
CA CYS A 115 25.85 -15.64 -12.45
C CYS A 115 24.53 -15.01 -12.02
N HIS A 116 23.98 -14.14 -12.86
CA HIS A 116 22.73 -13.48 -12.55
C HIS A 116 21.63 -13.98 -13.47
N THR A 117 20.41 -13.96 -12.98
CA THR A 117 19.27 -14.45 -13.73
C THR A 117 18.86 -13.50 -14.86
N GLY A 118 19.21 -12.22 -14.73
CA GLY A 118 18.90 -11.22 -15.73
C GLY A 118 18.91 -9.81 -15.18
N LEU A 119 19.17 -8.79 -16.02
CA LEU A 119 19.19 -7.40 -15.55
C LEU A 119 17.78 -6.94 -15.19
N GLY A 120 17.64 -6.39 -14.00
CA GLY A 120 16.34 -5.89 -13.57
C GLY A 120 15.53 -6.80 -12.68
N ARG A 121 15.77 -8.10 -12.73
CA ARG A 121 15.01 -9.05 -11.93
C ARG A 121 15.32 -9.01 -10.43
N SER A 122 14.30 -9.33 -9.64
CA SER A 122 14.40 -9.33 -8.19
C SER A 122 15.60 -10.09 -7.66
N ALA A 123 15.53 -11.42 -7.67
CA ALA A 123 16.61 -12.24 -7.12
C ALA A 123 17.94 -12.12 -7.84
N GLY A 124 17.86 -12.01 -9.16
CA GLY A 124 19.08 -11.96 -9.95
C GLY A 124 19.78 -10.64 -10.05
N TRP A 125 19.10 -9.55 -9.70
CA TRP A 125 19.74 -8.25 -9.81
C TRP A 125 19.41 -7.23 -8.72
N ASN A 126 18.19 -6.70 -8.74
CA ASN A 126 17.74 -5.68 -7.80
C ASN A 126 18.04 -5.85 -6.35
N ILE A 127 17.96 -7.10 -5.91
CA ILE A 127 18.19 -7.39 -4.51
C ILE A 127 19.63 -7.66 -4.16
N PRO A 128 20.34 -8.49 -4.93
CA PRO A 128 21.74 -8.69 -4.54
C PRO A 128 22.51 -7.39 -4.68
N ILE A 129 22.38 -6.75 -5.83
CA ILE A 129 23.07 -5.49 -6.11
C ILE A 129 22.79 -4.40 -5.09
N GLY A 130 21.57 -4.37 -4.56
CA GLY A 130 21.24 -3.37 -3.56
C GLY A 130 21.88 -3.76 -2.23
N THR A 131 22.16 -5.04 -2.09
CA THR A 131 22.78 -5.55 -0.89
C THR A 131 24.28 -5.24 -0.93
N LEU A 132 24.85 -5.27 -2.12
CA LEU A 132 26.28 -5.02 -2.27
C LEU A 132 26.64 -3.58 -2.62
N ARG A 133 25.65 -2.68 -2.68
CA ARG A 133 25.94 -1.30 -3.04
C ARG A 133 27.02 -0.70 -2.17
N PRO A 134 26.98 -0.99 -0.86
CA PRO A 134 27.97 -0.47 0.07
C PRO A 134 29.39 -0.90 -0.29
N TYR A 135 29.55 -1.92 -1.13
CA TYR A 135 30.88 -2.37 -1.50
C TYR A 135 31.24 -2.01 -2.92
N LEU A 136 30.29 -1.51 -3.69
CA LEU A 136 30.56 -1.14 -5.08
C LEU A 136 31.44 0.10 -5.14
N ASN A 137 31.33 0.96 -4.11
CA ASN A 137 32.02 2.24 -4.11
C ASN A 137 31.59 2.85 -5.49
N TRP A 138 30.30 3.17 -5.59
CA TRP A 138 29.65 3.76 -6.79
C TRP A 138 29.15 5.18 -6.53
N THR A 139 29.49 6.08 -7.45
CA THR A 139 29.08 7.48 -7.39
C THR A 139 27.57 7.63 -7.19
N GLY A 140 26.83 7.09 -8.13
CA GLY A 140 25.39 7.18 -8.13
C GLY A 140 25.09 7.32 -9.61
N PRO A 141 23.83 7.55 -10.01
CA PRO A 141 23.35 7.70 -11.39
C PRO A 141 24.26 8.26 -12.50
N PRO A 142 24.84 9.47 -12.31
CA PRO A 142 25.71 10.01 -13.36
C PRO A 142 26.48 8.83 -13.94
N GLU A 143 26.90 7.98 -13.01
CA GLU A 143 27.64 6.78 -13.30
C GLU A 143 26.68 5.57 -13.36
N PRO A 144 26.56 4.98 -14.54
CA PRO A 144 25.70 3.82 -14.78
C PRO A 144 26.01 2.73 -13.76
N LEU A 145 24.97 2.16 -13.16
CA LEU A 145 25.15 1.09 -12.19
C LEU A 145 25.85 -0.07 -12.90
N GLN A 146 25.41 -0.36 -14.12
CA GLN A 146 25.99 -1.43 -14.87
C GLN A 146 27.52 -1.30 -14.84
N LYS A 147 28.04 -0.06 -14.84
CA LYS A 147 29.50 0.19 -14.83
C LYS A 147 30.22 -0.27 -13.58
N ALA A 148 29.52 -0.23 -12.44
CA ALA A 148 30.12 -0.63 -11.18
C ALA A 148 30.15 -2.14 -11.08
N VAL A 149 28.97 -2.75 -11.12
CA VAL A 149 28.88 -4.19 -11.04
C VAL A 149 29.97 -4.79 -11.92
N ALA A 150 30.14 -4.21 -13.11
CA ALA A 150 31.14 -4.68 -14.05
C ALA A 150 32.58 -4.61 -13.49
N ASN A 151 32.89 -3.60 -12.69
CA ASN A 151 34.23 -3.43 -12.11
C ASN A 151 34.38 -4.24 -10.83
N PHE A 152 33.24 -4.57 -10.25
CA PHE A 152 33.13 -5.30 -9.00
C PHE A 152 33.39 -6.80 -9.17
N PHE A 153 32.69 -7.40 -10.11
CA PHE A 153 32.80 -8.83 -10.39
C PHE A 153 33.78 -9.11 -11.55
N SER A 154 34.64 -10.10 -11.35
CA SER A 154 35.66 -10.50 -12.32
C SER A 154 35.10 -10.73 -13.70
N ALA A 155 33.88 -11.22 -13.69
CA ALA A 155 33.19 -11.53 -14.90
C ALA A 155 31.84 -11.98 -14.39
N SER A 156 30.84 -11.82 -15.23
CA SER A 156 29.50 -12.21 -14.87
C SER A 156 28.68 -12.60 -16.08
N CYS A 157 27.48 -13.12 -15.82
CA CYS A 157 26.58 -13.40 -16.92
C CYS A 157 25.26 -12.81 -16.50
N VAL A 158 25.06 -11.58 -16.94
CA VAL A 158 23.87 -10.84 -16.64
C VAL A 158 23.12 -10.64 -17.92
N PRO A 159 22.24 -11.59 -18.26
CA PRO A 159 21.48 -11.44 -19.50
C PRO A 159 20.90 -10.04 -19.54
N CYS A 160 20.66 -9.53 -20.75
CA CYS A 160 20.09 -8.19 -20.96
C CYS A 160 21.02 -7.00 -20.60
N ALA A 161 22.30 -7.26 -20.37
CA ALA A 161 23.27 -6.22 -20.02
C ALA A 161 23.98 -5.77 -21.31
N ASP A 162 24.47 -4.53 -21.37
CA ASP A 162 25.20 -4.02 -22.57
C ASP A 162 26.48 -4.85 -22.68
N GLY A 163 26.47 -5.96 -23.38
CA GLY A 163 27.72 -6.70 -23.46
C GLY A 163 28.73 -5.89 -24.23
N LYS A 164 28.25 -4.81 -24.86
CA LYS A 164 29.09 -3.93 -25.67
C LYS A 164 29.91 -2.94 -24.86
N GLN A 165 29.25 -2.11 -24.08
CA GLN A 165 29.94 -1.14 -23.27
C GLN A 165 30.46 -1.77 -21.99
N TYR A 166 29.84 -2.87 -21.59
CA TYR A 166 30.21 -3.54 -20.35
C TYR A 166 30.30 -5.07 -20.53
N PRO A 167 31.21 -5.54 -21.40
CA PRO A 167 31.43 -6.97 -21.70
C PRO A 167 31.73 -7.85 -20.48
N ASN A 168 32.25 -7.24 -19.44
CA ASN A 168 32.56 -7.99 -18.24
C ASN A 168 31.26 -8.63 -17.74
N LEU A 169 30.16 -7.93 -17.96
CA LEU A 169 28.83 -8.35 -17.51
C LEU A 169 28.23 -9.51 -18.31
N CYS A 170 28.72 -9.70 -19.53
CA CYS A 170 28.23 -10.75 -20.43
C CYS A 170 29.18 -11.90 -20.63
N ARG A 171 30.44 -11.64 -20.30
CA ARG A 171 31.55 -12.57 -20.43
C ARG A 171 31.34 -14.04 -20.07
N LEU A 172 30.75 -14.35 -18.92
CA LEU A 172 30.55 -15.75 -18.55
C LEU A 172 29.44 -16.41 -19.34
N CYS A 173 28.60 -15.58 -19.94
CA CYS A 173 27.47 -16.04 -20.72
C CYS A 173 27.77 -16.99 -21.87
N ALA A 174 27.16 -18.17 -21.83
CA ALA A 174 27.34 -19.12 -22.91
C ALA A 174 26.18 -18.84 -23.85
N GLY A 175 26.47 -18.80 -25.14
CA GLY A 175 25.44 -18.53 -26.12
C GLY A 175 26.17 -18.43 -27.44
N THR A 176 25.50 -18.75 -28.54
CA THR A 176 26.17 -18.71 -29.84
C THR A 176 26.63 -17.31 -30.21
N GLU A 177 26.85 -17.09 -31.50
CA GLU A 177 27.33 -15.78 -31.95
C GLU A 177 26.58 -14.66 -31.22
N ALA A 178 25.41 -14.27 -31.74
CA ALA A 178 24.65 -13.19 -31.11
C ALA A 178 23.67 -13.65 -30.04
N ASP A 179 23.51 -14.96 -29.87
CA ASP A 179 22.62 -15.48 -28.83
C ASP A 179 23.24 -15.20 -27.46
N LYS A 180 24.57 -15.05 -27.41
CA LYS A 180 25.29 -14.78 -26.16
C LYS A 180 24.69 -13.57 -25.42
N CYS A 181 24.52 -13.71 -24.11
CA CYS A 181 23.96 -12.65 -23.26
C CYS A 181 22.56 -12.19 -23.66
N ALA A 182 21.84 -13.04 -24.38
CA ALA A 182 20.47 -12.73 -24.82
C ALA A 182 19.50 -12.56 -23.66
N CYS A 183 18.51 -11.70 -23.87
CA CYS A 183 17.52 -11.43 -22.84
C CYS A 183 16.39 -12.45 -22.89
N SER A 184 16.69 -13.63 -23.43
CA SER A 184 15.70 -14.69 -23.53
C SER A 184 16.35 -16.03 -23.21
N SER A 185 15.55 -17.08 -23.27
CA SER A 185 16.05 -18.41 -23.00
C SER A 185 16.94 -18.89 -24.15
N GLN A 186 17.38 -17.95 -24.97
CA GLN A 186 18.27 -18.25 -26.08
C GLN A 186 19.62 -18.30 -25.41
N GLU A 187 19.82 -17.43 -24.44
CA GLU A 187 21.05 -17.42 -23.65
C GLU A 187 20.82 -18.53 -22.65
N PRO A 188 21.57 -19.62 -22.75
CA PRO A 188 21.38 -20.73 -21.81
C PRO A 188 21.53 -20.37 -20.35
N TYR A 189 22.12 -19.23 -20.03
CA TYR A 189 22.24 -18.94 -18.61
C TYR A 189 21.23 -17.86 -18.08
N PHE A 190 20.08 -17.69 -18.76
CA PHE A 190 19.01 -16.72 -18.36
C PHE A 190 18.01 -17.42 -17.46
N GLY A 191 17.53 -16.70 -16.45
CA GLY A 191 16.56 -17.29 -15.55
C GLY A 191 17.15 -17.98 -14.35
N TYR A 192 16.28 -18.43 -13.45
CA TYR A 192 16.69 -19.10 -12.22
C TYR A 192 17.53 -20.33 -12.51
N SER A 193 17.06 -21.18 -13.42
CA SER A 193 17.81 -22.38 -13.72
C SER A 193 19.04 -22.07 -14.53
N GLY A 194 18.95 -21.06 -15.40
CA GLY A 194 20.10 -20.67 -16.19
C GLY A 194 21.26 -20.29 -15.30
N ALA A 195 20.97 -19.41 -14.33
CA ALA A 195 21.95 -18.92 -13.40
C ALA A 195 22.52 -20.07 -12.58
N PHE A 196 21.69 -21.08 -12.33
CA PHE A 196 22.14 -22.22 -11.55
C PHE A 196 23.14 -23.09 -12.30
N LYS A 197 22.88 -23.29 -13.58
CA LYS A 197 23.76 -24.08 -14.42
C LYS A 197 25.09 -23.35 -14.54
N CYS A 198 25.02 -22.04 -14.75
CA CYS A 198 26.21 -21.21 -14.85
C CYS A 198 27.07 -21.45 -13.62
N LEU A 199 26.44 -21.81 -12.51
CA LEU A 199 27.16 -22.11 -11.27
C LEU A 199 27.71 -23.57 -11.33
N GLU A 200 26.82 -24.55 -11.50
CA GLU A 200 27.20 -25.97 -11.56
C GLU A 200 28.21 -26.31 -12.68
N ASN A 201 28.12 -25.61 -13.80
CA ASN A 201 29.09 -25.84 -14.86
C ASN A 201 30.45 -25.20 -14.55
N GLY A 202 30.55 -24.49 -13.42
CA GLY A 202 31.81 -23.88 -13.00
C GLY A 202 32.20 -22.57 -13.67
N ALA A 203 31.23 -21.92 -14.30
CA ALA A 203 31.45 -20.64 -14.98
C ALA A 203 31.47 -19.48 -13.97
N GLY A 204 30.64 -19.60 -12.93
CA GLY A 204 30.58 -18.58 -11.89
C GLY A 204 30.81 -19.20 -10.51
N ASP A 205 31.03 -18.36 -9.50
CA ASP A 205 31.25 -18.86 -8.15
C ASP A 205 30.03 -18.66 -7.23
N VAL A 206 29.11 -17.82 -7.67
CA VAL A 206 27.92 -17.55 -6.90
C VAL A 206 26.73 -17.37 -7.85
N ALA A 207 25.65 -18.06 -7.54
CA ALA A 207 24.41 -17.96 -8.30
C ALA A 207 23.48 -17.14 -7.44
N PHE A 208 22.88 -16.15 -8.07
CA PHE A 208 21.95 -15.25 -7.42
C PHE A 208 20.58 -15.75 -7.93
N VAL A 209 19.85 -16.54 -7.14
CA VAL A 209 18.55 -17.06 -7.60
C VAL A 209 17.38 -17.09 -6.59
N LYS A 210 16.42 -17.98 -6.88
CA LYS A 210 15.20 -18.18 -6.08
C LYS A 210 15.41 -19.30 -5.04
N ASP A 211 14.55 -19.35 -4.03
CA ASP A 211 14.69 -20.37 -2.98
C ASP A 211 14.55 -21.82 -3.43
N SER A 212 13.68 -22.05 -4.39
CA SER A 212 13.38 -23.38 -4.91
C SER A 212 14.38 -23.95 -5.92
N THR A 213 14.89 -23.05 -6.74
CA THR A 213 15.81 -23.32 -7.80
C THR A 213 16.86 -24.43 -7.53
N VAL A 214 17.43 -24.51 -6.34
CA VAL A 214 18.38 -25.59 -6.04
C VAL A 214 17.67 -26.93 -6.04
N PHE A 215 16.54 -26.98 -5.33
CA PHE A 215 15.74 -28.19 -5.22
C PHE A 215 15.12 -28.62 -6.54
N GLU A 216 14.91 -27.65 -7.42
CA GLU A 216 14.30 -27.90 -8.71
C GLU A 216 15.23 -28.63 -9.66
N ASN A 217 16.52 -28.33 -9.54
CA ASN A 217 17.52 -28.92 -10.41
C ASN A 217 18.25 -30.10 -9.79
N LEU A 218 18.25 -30.18 -8.47
CA LEU A 218 18.94 -31.26 -7.81
C LEU A 218 17.93 -31.93 -6.86
N PRO A 219 17.15 -32.88 -7.39
CA PRO A 219 16.11 -33.66 -6.70
C PRO A 219 16.63 -34.63 -5.63
N ASP A 220 17.94 -34.71 -5.47
CA ASP A 220 18.52 -35.64 -4.50
C ASP A 220 19.40 -34.97 -3.43
N GLU A 221 19.00 -35.15 -2.16
CA GLU A 221 19.70 -34.56 -1.02
C GLU A 221 21.22 -34.65 -1.07
N ALA A 222 21.72 -35.70 -1.70
CA ALA A 222 23.16 -35.92 -1.80
C ALA A 222 23.86 -34.88 -2.66
N GLU A 223 23.22 -34.49 -3.76
CA GLU A 223 23.81 -33.51 -4.65
C GLU A 223 23.63 -32.07 -4.16
N ARG A 224 22.55 -31.79 -3.44
CA ARG A 224 22.33 -30.44 -2.92
C ARG A 224 23.36 -30.18 -1.83
N ASP A 225 23.83 -31.23 -1.14
CA ASP A 225 24.82 -31.04 -0.08
C ASP A 225 26.16 -30.56 -0.61
N LYS A 226 26.25 -30.45 -1.93
CA LYS A 226 27.46 -29.95 -2.55
C LYS A 226 27.33 -28.45 -2.68
N TYR A 227 26.21 -27.90 -2.25
CA TYR A 227 26.00 -26.46 -2.34
C TYR A 227 25.55 -25.81 -1.01
N GLU A 228 25.76 -24.49 -0.88
CA GLU A 228 25.40 -23.72 0.32
C GLU A 228 24.79 -22.37 -0.10
N LEU A 229 24.39 -21.60 0.92
CA LEU A 229 23.81 -20.26 0.77
C LEU A 229 24.64 -19.22 1.54
N LEU A 230 24.86 -18.03 0.95
CA LEU A 230 25.60 -17.01 1.66
C LEU A 230 24.55 -16.18 2.42
N CYS A 231 24.59 -16.19 3.75
CA CYS A 231 23.61 -15.44 4.52
C CYS A 231 24.08 -14.01 4.67
N PRO A 232 23.15 -13.05 4.78
CA PRO A 232 23.49 -11.65 4.92
C PRO A 232 24.24 -11.39 6.21
N ASP A 233 24.53 -12.43 7.00
CA ASP A 233 25.28 -12.18 8.21
C ASP A 233 26.64 -12.83 8.13
N ASN A 234 27.17 -12.83 6.91
CA ASN A 234 28.49 -13.37 6.60
C ASN A 234 28.82 -14.76 7.10
N THR A 235 27.86 -15.65 6.95
CA THR A 235 28.05 -17.05 7.33
C THR A 235 27.45 -17.85 6.20
N ARG A 236 27.61 -19.16 6.23
CA ARG A 236 27.05 -19.98 5.17
C ARG A 236 26.17 -21.05 5.78
N LYS A 237 24.95 -21.15 5.28
CA LYS A 237 24.05 -22.16 5.80
C LYS A 237 23.57 -23.01 4.64
N PRO A 238 23.14 -24.26 4.92
CA PRO A 238 22.64 -25.22 3.93
C PRO A 238 21.51 -24.68 3.06
N VAL A 239 21.36 -25.27 1.89
CA VAL A 239 20.37 -24.78 0.97
C VAL A 239 18.95 -24.88 1.46
N ASP A 240 18.63 -25.77 2.40
CA ASP A 240 17.24 -25.78 2.83
C ASP A 240 17.00 -24.82 4.00
N ALA A 241 17.93 -23.89 4.20
CA ALA A 241 17.81 -22.90 5.27
C ALA A 241 17.51 -21.50 4.75
N PHE A 242 17.03 -21.41 3.51
CA PHE A 242 16.70 -20.13 2.88
C PHE A 242 15.78 -19.31 3.76
N LYS A 243 14.98 -19.98 4.56
CA LYS A 243 14.08 -19.26 5.42
C LYS A 243 14.87 -18.38 6.40
N GLU A 244 16.11 -18.78 6.72
CA GLU A 244 16.98 -18.04 7.63
C GLU A 244 18.07 -17.28 6.87
N CYS A 245 18.57 -17.91 5.81
CA CYS A 245 19.65 -17.37 5.01
C CYS A 245 19.12 -16.81 3.67
N HIS A 246 18.47 -15.64 3.73
CA HIS A 246 17.91 -15.00 2.54
C HIS A 246 18.41 -13.55 2.38
N LEU A 247 18.54 -13.05 1.15
CA LEU A 247 18.98 -11.65 0.99
C LEU A 247 17.73 -10.78 1.10
N ALA A 248 16.60 -11.38 0.76
CA ALA A 248 15.32 -10.69 0.80
C ALA A 248 14.15 -11.61 0.43
N ARG A 249 12.94 -11.11 0.65
CA ARG A 249 11.71 -11.82 0.37
C ARG A 249 10.89 -10.93 -0.54
N VAL A 250 10.83 -11.28 -1.81
CA VAL A 250 10.12 -10.47 -2.78
C VAL A 250 8.74 -11.04 -3.11
N PRO A 251 7.88 -10.23 -3.77
CA PRO A 251 6.53 -10.62 -4.18
C PRO A 251 6.61 -11.48 -5.45
N SER A 252 5.71 -12.43 -5.64
CA SER A 252 5.79 -13.28 -6.83
C SER A 252 5.75 -12.51 -8.11
N HIS A 253 5.98 -13.24 -9.20
CA HIS A 253 5.96 -12.69 -10.55
C HIS A 253 4.51 -12.44 -10.83
N ALA A 254 4.21 -11.72 -11.89
CA ALA A 254 2.82 -11.47 -12.13
C ALA A 254 2.48 -11.13 -13.55
N VAL A 255 1.24 -11.45 -13.91
CA VAL A 255 0.69 -11.18 -15.23
C VAL A 255 0.25 -9.73 -15.18
N VAL A 256 0.76 -8.95 -16.10
CA VAL A 256 0.43 -7.53 -16.16
C VAL A 256 -0.36 -7.22 -17.41
N ALA A 257 -1.15 -6.16 -17.36
CA ALA A 257 -1.96 -5.72 -18.49
C ALA A 257 -2.04 -4.20 -18.44
N ARG A 258 -2.61 -3.59 -19.48
CA ARG A 258 -2.74 -2.13 -19.52
C ARG A 258 -3.63 -1.59 -18.39
N SER A 259 -3.38 -0.34 -17.99
CA SER A 259 -4.15 0.28 -16.91
C SER A 259 -5.54 0.67 -17.39
N VAL A 260 -5.61 1.04 -18.66
CA VAL A 260 -6.88 1.40 -19.25
C VAL A 260 -7.19 0.51 -20.44
N ASP A 261 -8.34 -0.15 -20.40
CA ASP A 261 -8.74 -0.99 -21.51
C ASP A 261 -7.75 -2.16 -21.70
N GLY A 262 -7.43 -2.83 -20.59
CA GLY A 262 -6.51 -3.95 -20.65
C GLY A 262 -7.18 -5.30 -20.74
N ARG A 263 -8.51 -5.33 -20.60
CA ARG A 263 -9.25 -6.58 -20.69
C ARG A 263 -8.91 -7.47 -19.51
N GLU A 264 -8.78 -6.88 -18.32
CA GLU A 264 -8.45 -7.68 -17.15
C GLU A 264 -9.42 -8.86 -17.14
N ASP A 265 -10.68 -8.63 -17.47
CA ASP A 265 -11.64 -9.73 -17.48
C ASP A 265 -11.24 -10.86 -18.42
N LEU A 266 -10.84 -10.53 -19.64
CA LEU A 266 -10.44 -11.57 -20.58
C LEU A 266 -9.29 -12.37 -20.03
N ILE A 267 -8.27 -11.67 -19.56
CA ILE A 267 -7.09 -12.32 -19.05
C ILE A 267 -7.39 -13.24 -17.86
N TRP A 268 -8.25 -12.81 -16.97
CA TRP A 268 -8.54 -13.67 -15.82
C TRP A 268 -9.28 -14.95 -16.19
N LYS A 269 -10.23 -14.86 -17.11
CA LYS A 269 -11.01 -16.03 -17.50
C LYS A 269 -10.10 -17.07 -18.15
N LEU A 270 -9.21 -16.57 -18.98
CA LEU A 270 -8.25 -17.40 -19.67
C LEU A 270 -7.46 -18.18 -18.60
N LEU A 271 -6.83 -17.45 -17.68
CA LEU A 271 -6.04 -18.08 -16.65
C LEU A 271 -6.81 -18.97 -15.67
N HIS A 272 -8.07 -18.65 -15.43
CA HIS A 272 -8.87 -19.47 -14.53
C HIS A 272 -9.18 -20.80 -15.22
N ARG A 273 -9.38 -20.76 -16.54
CA ARG A 273 -9.64 -21.97 -17.34
C ARG A 273 -8.33 -22.75 -17.44
N ALA A 274 -7.22 -22.05 -17.61
CA ALA A 274 -5.96 -22.72 -17.73
C ALA A 274 -5.60 -23.54 -16.49
N GLN A 275 -5.63 -22.95 -15.29
CA GLN A 275 -5.30 -23.75 -14.11
C GLN A 275 -6.22 -24.96 -14.03
N GLU A 276 -7.52 -24.70 -14.10
CA GLU A 276 -8.58 -25.70 -14.00
C GLU A 276 -8.33 -26.84 -14.97
N GLU A 277 -7.91 -26.48 -16.17
CA GLU A 277 -7.68 -27.45 -17.24
C GLU A 277 -6.26 -28.01 -17.41
N PHE A 278 -5.22 -27.23 -17.13
CA PHE A 278 -3.86 -27.74 -17.31
C PHE A 278 -2.96 -27.54 -16.09
N GLY A 279 -3.55 -27.09 -15.00
CA GLY A 279 -2.80 -26.83 -13.78
C GLY A 279 -1.99 -28.03 -13.32
N ARG A 280 -1.71 -28.11 -12.02
CA ARG A 280 -0.94 -29.24 -11.53
C ARG A 280 -1.74 -30.54 -11.50
N ASN A 281 -1.30 -31.46 -12.37
CA ASN A 281 -1.86 -32.79 -12.57
C ASN A 281 -3.31 -32.79 -13.05
N LYS A 282 -3.88 -31.63 -13.37
CA LYS A 282 -5.25 -31.70 -13.86
C LYS A 282 -5.21 -32.51 -15.19
N SER A 283 -4.37 -32.13 -16.14
CA SER A 283 -4.29 -32.85 -17.44
C SER A 283 -2.97 -33.56 -17.73
N SER A 284 -2.92 -34.20 -18.90
CA SER A 284 -1.73 -34.92 -19.38
C SER A 284 -1.46 -34.44 -20.82
N ALA A 285 -2.51 -33.99 -21.49
CA ALA A 285 -2.42 -33.48 -22.86
C ALA A 285 -1.56 -32.21 -22.96
N PHE A 286 -1.58 -31.43 -21.88
CA PHE A 286 -0.83 -30.18 -21.81
C PHE A 286 -0.66 -29.82 -20.36
N GLN A 287 0.51 -29.32 -20.05
CA GLN A 287 0.83 -28.96 -18.69
C GLN A 287 1.20 -27.49 -18.81
N LEU A 288 0.48 -26.64 -18.09
CA LEU A 288 0.72 -25.22 -18.19
C LEU A 288 1.97 -24.83 -17.47
N PHE A 289 2.14 -25.37 -16.27
CA PHE A 289 3.28 -25.08 -15.43
C PHE A 289 4.49 -26.06 -15.54
N GLY A 290 4.79 -26.47 -16.77
CA GLY A 290 5.89 -27.37 -17.06
C GLY A 290 6.48 -26.94 -18.39
N SER A 291 7.79 -27.10 -18.58
CA SER A 291 8.44 -26.69 -19.83
C SER A 291 9.45 -27.73 -20.26
N THR A 292 10.11 -27.48 -21.38
CA THR A 292 11.14 -28.37 -21.92
C THR A 292 12.40 -28.25 -21.07
N PRO A 293 13.24 -29.30 -21.04
CA PRO A 293 14.48 -29.29 -20.25
C PRO A 293 15.52 -28.26 -20.69
N GLY A 294 15.67 -28.10 -22.00
CA GLY A 294 16.65 -27.15 -22.51
C GLY A 294 16.43 -25.74 -21.99
N GLU A 295 15.16 -25.33 -21.94
CA GLU A 295 14.78 -24.00 -21.49
C GLU A 295 13.68 -24.11 -20.44
N GLN A 296 13.89 -23.51 -19.27
CA GLN A 296 12.91 -23.53 -18.18
C GLN A 296 12.03 -22.29 -18.20
N ASP A 297 11.11 -22.24 -17.23
CA ASP A 297 10.16 -21.15 -17.04
C ASP A 297 9.73 -20.50 -18.33
N LEU A 298 8.90 -21.20 -19.08
CA LEU A 298 8.41 -20.68 -20.33
C LEU A 298 6.99 -20.16 -20.07
N LEU A 299 6.77 -18.90 -20.38
CA LEU A 299 5.46 -18.29 -20.14
C LEU A 299 5.14 -18.10 -18.64
N PHE A 300 5.48 -19.09 -17.79
CA PHE A 300 5.23 -19.06 -16.33
C PHE A 300 6.30 -19.81 -15.55
N LYS A 301 6.44 -19.61 -14.23
CA LYS A 301 7.47 -20.42 -13.56
C LYS A 301 6.98 -21.85 -13.41
N ASP A 302 7.78 -22.76 -13.92
CA ASP A 302 7.52 -24.18 -13.84
C ASP A 302 7.12 -24.49 -12.42
N SER A 303 6.13 -25.36 -12.26
CA SER A 303 5.71 -25.76 -10.92
C SER A 303 4.99 -24.75 -10.05
N ALA A 304 4.48 -23.67 -10.63
CA ALA A 304 3.74 -22.71 -9.83
C ALA A 304 2.42 -23.41 -9.59
N LEU A 305 1.76 -23.16 -8.46
CA LEU A 305 0.49 -23.82 -8.21
C LEU A 305 -0.63 -23.29 -9.12
N GLY A 306 -0.57 -21.99 -9.42
CA GLY A 306 -1.58 -21.37 -10.28
C GLY A 306 -1.59 -19.86 -10.09
N PHE A 307 -2.77 -19.23 -10.20
CA PHE A 307 -2.85 -17.79 -10.00
C PHE A 307 -3.90 -17.40 -8.99
N VAL A 308 -3.86 -16.12 -8.67
CA VAL A 308 -4.77 -15.50 -7.75
C VAL A 308 -5.03 -14.16 -8.39
N ARG A 309 -6.29 -13.73 -8.42
CA ARG A 309 -6.57 -12.45 -9.04
C ARG A 309 -6.15 -11.29 -8.16
N ILE A 310 -5.59 -10.27 -8.77
CA ILE A 310 -5.14 -9.12 -8.01
C ILE A 310 -6.25 -8.11 -8.10
N PRO A 311 -6.82 -7.71 -6.96
CA PRO A 311 -7.91 -6.74 -6.94
C PRO A 311 -7.65 -5.53 -7.84
N SER A 312 -8.68 -4.70 -8.00
CA SER A 312 -8.62 -3.51 -8.86
C SER A 312 -7.77 -2.28 -8.52
N GLN A 313 -7.99 -1.62 -7.37
CA GLN A 313 -7.16 -0.44 -7.05
C GLN A 313 -5.65 -0.78 -7.00
N ILE A 314 -5.26 -2.02 -6.68
CA ILE A 314 -3.83 -2.36 -6.62
C ILE A 314 -3.02 -2.04 -7.89
N ASP A 315 -1.98 -1.24 -7.75
CA ASP A 315 -1.13 -0.91 -8.88
C ASP A 315 0.22 -1.59 -8.56
N SER A 316 1.25 -1.34 -9.37
CA SER A 316 2.56 -1.97 -9.12
C SER A 316 3.22 -1.55 -7.82
N GLY A 317 3.05 -0.27 -7.46
CA GLY A 317 3.63 0.24 -6.23
C GLY A 317 3.08 -0.47 -5.01
N LEU A 318 1.76 -0.58 -4.93
CA LEU A 318 1.15 -1.26 -3.79
C LEU A 318 1.43 -2.74 -3.85
N TYR A 319 1.45 -3.28 -5.06
CA TYR A 319 1.70 -4.70 -5.24
C TYR A 319 3.06 -5.07 -4.70
N LEU A 320 4.08 -4.29 -5.07
CA LEU A 320 5.44 -4.55 -4.62
C LEU A 320 5.63 -4.26 -3.13
N GLY A 321 5.06 -3.15 -2.67
CA GLY A 321 5.15 -2.79 -1.27
C GLY A 321 6.27 -1.81 -1.00
N ALA A 322 6.27 -1.21 0.19
CA ALA A 322 7.30 -0.24 0.53
C ALA A 322 8.68 -0.88 0.52
N ASN A 323 8.85 -1.93 1.33
CA ASN A 323 10.12 -2.64 1.42
C ASN A 323 10.80 -2.73 0.06
N TYR A 324 10.12 -3.39 -0.87
CA TYR A 324 10.65 -3.57 -2.22
C TYR A 324 10.81 -2.25 -2.96
N LEU A 325 9.77 -1.43 -2.97
CA LEU A 325 9.84 -0.15 -3.67
C LEU A 325 11.03 0.68 -3.23
N THR A 326 11.23 0.80 -1.94
CA THR A 326 12.36 1.60 -1.50
C THR A 326 13.68 1.05 -2.11
N ALA A 327 14.05 -0.19 -1.78
CA ALA A 327 15.28 -0.77 -2.30
C ALA A 327 15.45 -0.62 -3.82
N THR A 328 14.37 -0.74 -4.60
CA THR A 328 14.51 -0.58 -6.04
C THR A 328 14.73 0.89 -6.40
N GLN A 329 13.87 1.77 -5.89
CA GLN A 329 14.00 3.20 -6.17
C GLN A 329 15.40 3.60 -5.69
N ASN A 330 15.86 3.01 -4.59
CA ASN A 330 17.14 3.35 -4.02
C ASN A 330 18.38 3.00 -4.85
N LEU A 331 18.20 2.20 -5.90
CA LEU A 331 19.29 1.84 -6.80
C LEU A 331 19.36 2.91 -7.89
N ARG A 332 18.41 3.85 -7.86
CA ARG A 332 18.41 4.92 -8.85
C ARG A 332 18.46 6.30 -8.20
N GLU A 333 18.93 6.34 -6.97
CA GLU A 333 19.06 7.59 -6.23
C GLU A 333 20.44 7.66 -5.59
N THR A 334 20.89 8.86 -5.27
CA THR A 334 22.22 9.01 -4.67
C THR A 334 22.21 8.60 -3.20
N ALA A 335 23.40 8.36 -2.66
CA ALA A 335 23.56 7.99 -1.26
C ALA A 335 22.97 9.09 -0.38
N ALA A 336 23.25 10.34 -0.74
CA ALA A 336 22.75 11.47 0.01
C ALA A 336 21.22 11.49 -0.05
N GLU A 337 20.65 11.20 -1.21
CA GLU A 337 19.20 11.19 -1.39
C GLU A 337 18.53 10.17 -0.49
N VAL A 338 19.12 8.98 -0.41
CA VAL A 338 18.58 7.88 0.42
C VAL A 338 18.60 8.25 1.89
N ALA A 339 19.81 8.47 2.39
CA ALA A 339 20.00 8.82 3.78
C ALA A 339 19.14 10.01 4.15
N ALA A 340 18.96 10.94 3.21
CA ALA A 340 18.15 12.11 3.46
C ALA A 340 16.68 11.76 3.72
N ARG A 341 16.09 10.91 2.89
CA ARG A 341 14.70 10.54 3.11
C ARG A 341 14.56 9.70 4.38
N ARG A 342 15.52 8.82 4.64
CA ARG A 342 15.49 7.98 5.84
C ARG A 342 15.49 8.80 7.14
N GLU A 343 16.02 10.01 7.12
CA GLU A 343 16.06 10.78 8.36
C GLU A 343 14.94 11.78 8.53
N ARG A 344 14.31 12.16 7.43
CA ARG A 344 13.19 13.08 7.55
C ARG A 344 11.91 12.27 7.81
N VAL A 345 10.79 12.96 7.78
CA VAL A 345 9.54 12.29 8.01
C VAL A 345 8.61 12.96 7.03
N VAL A 346 7.94 12.16 6.20
CA VAL A 346 7.03 12.73 5.25
C VAL A 346 5.61 12.53 5.76
N TRP A 347 4.92 13.63 5.97
CA TRP A 347 3.56 13.61 6.46
C TRP A 347 2.65 13.61 5.24
N CYS A 348 1.48 13.02 5.36
CA CYS A 348 0.57 13.04 4.22
C CYS A 348 -0.59 13.96 4.52
N ALA A 349 -0.66 15.06 3.78
CA ALA A 349 -1.74 16.00 3.98
C ALA A 349 -2.93 15.64 3.09
N VAL A 350 -4.12 15.66 3.67
CA VAL A 350 -5.32 15.34 2.90
C VAL A 350 -6.01 16.61 2.48
N GLY A 351 -5.86 16.94 1.20
CA GLY A 351 -6.48 18.12 0.65
C GLY A 351 -5.59 19.35 0.65
N PRO A 352 -5.94 20.37 -0.14
CA PRO A 352 -5.24 21.63 -0.32
C PRO A 352 -4.92 22.41 0.96
N GLU A 353 -5.92 22.66 1.81
CA GLU A 353 -5.66 23.42 3.02
C GLU A 353 -4.63 22.71 3.94
N GLU A 354 -4.57 21.38 3.93
CA GLU A 354 -3.62 20.67 4.78
C GLU A 354 -2.17 20.75 4.31
N GLU A 355 -1.98 20.70 3.00
CA GLU A 355 -0.65 20.76 2.37
C GLU A 355 -0.06 22.17 2.62
N ARG A 356 -0.94 23.17 2.71
CA ARG A 356 -0.55 24.55 2.97
C ARG A 356 0.13 24.48 4.33
N LYS A 357 -0.67 24.16 5.35
CA LYS A 357 -0.21 24.03 6.74
C LYS A 357 0.98 23.09 6.85
N CYS A 358 0.96 22.00 6.09
CA CYS A 358 2.09 21.10 6.18
C CYS A 358 3.34 21.83 5.65
N LYS A 359 3.19 22.51 4.52
CA LYS A 359 4.32 23.23 3.98
C LYS A 359 4.86 24.20 5.03
N GLN A 360 3.99 24.84 5.81
CA GLN A 360 4.46 25.77 6.84
C GLN A 360 5.31 24.98 7.81
N TRP A 361 4.78 23.84 8.20
CA TRP A 361 5.45 22.95 9.14
C TRP A 361 6.82 22.54 8.61
N SER A 362 6.89 22.23 7.32
CA SER A 362 8.14 21.81 6.73
C SER A 362 9.17 22.92 6.80
N ASP A 363 8.84 24.08 6.23
CA ASP A 363 9.74 25.24 6.24
C ASP A 363 10.27 25.53 7.64
N VAL A 364 9.34 25.61 8.57
CA VAL A 364 9.64 25.95 9.95
C VAL A 364 10.47 24.94 10.73
N SER A 365 10.54 23.71 10.25
CA SER A 365 11.29 22.65 10.93
C SER A 365 12.65 22.35 10.28
N ASN A 366 13.10 23.26 9.42
CA ASN A 366 14.31 23.13 8.56
C ASN A 366 14.20 21.77 7.85
N ARG A 367 13.03 21.45 7.34
CA ARG A 367 12.80 20.19 6.63
C ARG A 367 13.11 18.83 7.29
N LYS A 368 12.85 18.73 8.58
CA LYS A 368 13.01 17.46 9.29
C LYS A 368 11.74 16.76 8.89
N VAL A 369 10.78 17.58 8.47
CA VAL A 369 9.48 17.10 8.07
C VAL A 369 9.14 17.63 6.69
N ALA A 370 8.78 16.73 5.80
CA ALA A 370 8.41 17.08 4.43
C ALA A 370 6.96 16.64 4.22
N CYS A 371 6.35 17.07 3.12
CA CYS A 371 4.96 16.73 2.90
C CYS A 371 4.64 15.94 1.66
N ALA A 372 3.50 15.27 1.73
CA ALA A 372 2.99 14.45 0.65
C ALA A 372 1.50 14.65 0.75
N SER A 373 0.83 14.80 -0.39
CA SER A 373 -0.62 15.05 -0.36
C SER A 373 -1.48 14.21 -1.28
N ALA A 374 -2.75 14.05 -0.90
CA ALA A 374 -3.72 13.27 -1.68
C ALA A 374 -5.09 13.93 -1.52
N SER A 375 -6.04 13.62 -2.40
CA SER A 375 -7.35 14.24 -2.29
C SER A 375 -8.15 13.56 -1.18
N THR A 376 -7.83 12.30 -0.91
CA THR A 376 -8.52 11.60 0.17
C THR A 376 -7.61 10.93 1.19
N THR A 377 -8.24 10.46 2.25
CA THR A 377 -7.55 9.80 3.35
C THR A 377 -7.14 8.38 2.98
N GLU A 378 -7.87 7.75 2.06
CA GLU A 378 -7.52 6.40 1.63
C GLU A 378 -6.23 6.48 0.82
N GLU A 379 -6.19 7.47 -0.07
CA GLU A 379 -5.02 7.70 -0.93
C GLU A 379 -3.78 7.90 -0.06
N CYS A 380 -3.92 8.72 0.98
CA CYS A 380 -2.80 8.94 1.86
C CYS A 380 -2.32 7.60 2.38
N ILE A 381 -3.23 6.82 2.97
CA ILE A 381 -2.88 5.50 3.50
C ILE A 381 -2.13 4.65 2.45
N ALA A 382 -2.59 4.70 1.21
CA ALA A 382 -1.93 3.96 0.14
C ALA A 382 -0.50 4.50 0.02
N LEU A 383 -0.36 5.82 -0.05
CA LEU A 383 0.95 6.46 -0.16
C LEU A 383 1.86 5.90 0.92
N VAL A 384 1.33 5.82 2.13
CA VAL A 384 2.08 5.30 3.25
C VAL A 384 2.49 3.84 2.99
N LEU A 385 1.63 3.07 2.33
CA LEU A 385 1.91 1.67 2.03
C LEU A 385 2.94 1.53 0.94
N LYS A 386 2.95 2.45 -0.03
CA LYS A 386 3.90 2.41 -1.14
C LYS A 386 5.27 2.82 -0.59
N GLY A 387 5.22 3.59 0.50
CA GLY A 387 6.44 4.07 1.15
C GLY A 387 6.79 5.51 0.78
N GLU A 388 5.84 6.21 0.15
CA GLU A 388 6.03 7.59 -0.29
C GLU A 388 5.75 8.64 0.79
N ALA A 389 5.06 8.21 1.82
CA ALA A 389 4.70 9.09 2.94
C ALA A 389 5.02 8.29 4.18
N ASP A 390 5.21 8.96 5.31
CA ASP A 390 5.51 8.20 6.50
C ASP A 390 4.41 8.14 7.54
N ALA A 391 3.44 9.03 7.45
CA ALA A 391 2.38 8.99 8.43
C ALA A 391 1.35 10.10 8.29
N LEU A 392 0.31 9.95 9.12
CA LEU A 392 -0.77 10.91 9.24
C LEU A 392 -1.62 10.54 10.43
N ASN A 393 -2.29 11.57 10.90
CA ASN A 393 -3.20 11.57 12.04
C ASN A 393 -4.53 10.99 11.48
N LEU A 394 -5.08 9.94 12.11
CA LEU A 394 -6.32 9.37 11.58
C LEU A 394 -7.40 9.19 12.63
N ASP A 395 -8.64 9.22 12.17
CA ASP A 395 -9.79 9.03 13.04
C ASP A 395 -9.90 7.53 13.33
N GLY A 396 -10.50 7.19 14.47
CA GLY A 396 -10.62 5.79 14.84
C GLY A 396 -11.07 4.92 13.70
N GLY A 397 -12.02 5.43 12.93
CA GLY A 397 -12.55 4.67 11.81
C GLY A 397 -11.51 4.31 10.78
N PHE A 398 -10.58 5.20 10.53
CA PHE A 398 -9.54 4.92 9.56
C PHE A 398 -8.33 4.28 10.22
N ILE A 399 -8.32 4.21 11.54
CA ILE A 399 -7.21 3.55 12.21
C ILE A 399 -7.46 2.07 11.93
N TYR A 400 -8.75 1.76 11.74
CA TYR A 400 -9.22 0.40 11.45
C TYR A 400 -8.69 -0.03 10.09
N VAL A 401 -8.92 0.80 9.09
CA VAL A 401 -8.44 0.48 7.76
C VAL A 401 -6.90 0.39 7.82
N ALA A 402 -6.26 1.42 8.34
CA ALA A 402 -4.81 1.40 8.43
C ALA A 402 -4.34 0.14 9.13
N GLY A 403 -5.07 -0.29 10.16
CA GLY A 403 -4.66 -1.47 10.89
C GLY A 403 -4.82 -2.76 10.12
N LYS A 404 -5.81 -2.77 9.24
CA LYS A 404 -6.08 -3.94 8.42
C LYS A 404 -5.04 -4.03 7.30
N CYS A 405 -4.36 -2.92 7.04
CA CYS A 405 -3.33 -2.91 6.01
C CYS A 405 -1.94 -3.00 6.66
N GLY A 406 -1.89 -3.30 7.95
CA GLY A 406 -0.61 -3.44 8.62
C GLY A 406 0.02 -2.25 9.35
N LEU A 407 -0.58 -1.08 9.24
CA LEU A 407 -0.02 0.09 9.89
C LEU A 407 -0.38 0.03 11.37
N VAL A 408 0.47 0.58 12.21
CA VAL A 408 0.22 0.58 13.65
C VAL A 408 0.12 2.00 14.17
N PRO A 409 -0.64 2.20 15.25
CA PRO A 409 -0.78 3.54 15.83
C PRO A 409 0.50 3.89 16.61
N VAL A 410 1.10 5.05 16.34
CA VAL A 410 2.31 5.43 17.05
C VAL A 410 1.97 6.24 18.30
N LEU A 411 1.52 7.47 18.14
CA LEU A 411 1.13 8.30 19.29
C LEU A 411 -0.34 8.63 19.15
N ALA A 412 -1.00 9.02 20.24
CA ALA A 412 -2.41 9.39 20.17
C ALA A 412 -2.67 10.85 20.56
N GLU A 413 -3.75 11.42 20.01
CA GLU A 413 -4.12 12.81 20.26
C GLU A 413 -4.75 12.94 21.63
N ASN A 414 -4.16 13.74 22.52
CA ASN A 414 -4.76 13.97 23.83
C ASN A 414 -5.36 15.38 23.72
N GLN A 415 -6.69 15.46 23.79
CA GLN A 415 -7.43 16.74 23.70
C GLN A 415 -7.02 17.64 24.89
N LYS A 416 -7.25 18.95 24.85
CA LYS A 416 -6.84 19.78 26.00
C LYS A 416 -7.43 19.39 27.36
N SER A 417 -7.09 18.21 27.87
CA SER A 417 -7.34 17.99 29.24
C SER A 417 -8.64 17.80 30.01
N GLN A 418 -8.34 18.22 31.23
CA GLN A 418 -9.04 18.32 32.56
C GLN A 418 -9.06 17.14 33.74
N ASN A 419 -7.96 17.38 34.50
CA ASN A 419 -7.66 16.83 35.80
C ASN A 419 -6.46 17.68 36.38
N SER A 420 -5.51 17.81 35.57
CA SER A 420 -4.49 18.86 35.91
C SER A 420 -3.64 18.76 34.70
N ASN A 421 -3.08 19.91 34.21
CA ASN A 421 -2.07 19.73 33.18
C ASN A 421 -1.03 18.77 33.85
N ALA A 422 -1.37 18.17 35.02
CA ALA A 422 -0.54 17.17 35.85
C ALA A 422 0.63 16.73 35.03
N PRO A 423 0.71 15.38 34.77
CA PRO A 423 1.90 15.17 33.92
C PRO A 423 2.13 16.20 32.80
N ASP A 424 2.18 15.78 31.55
CA ASP A 424 2.25 16.84 30.54
C ASP A 424 0.92 16.64 29.92
N CYS A 425 0.81 15.46 29.36
CA CYS A 425 -0.34 15.06 28.62
C CYS A 425 0.24 13.90 27.80
N VAL A 426 1.58 13.84 27.73
CA VAL A 426 2.29 12.79 27.02
C VAL A 426 2.20 11.44 27.74
N HIS A 427 1.85 11.45 29.02
CA HIS A 427 1.74 10.21 29.77
C HIS A 427 0.32 10.05 30.24
N ARG A 428 -0.51 11.06 29.99
CA ARG A 428 -1.90 10.94 30.40
C ARG A 428 -2.57 9.86 29.58
N PRO A 429 -3.39 9.03 30.24
CA PRO A 429 -4.07 7.98 29.50
C PRO A 429 -5.04 8.64 28.56
N PRO A 430 -5.01 8.26 27.26
CA PRO A 430 -5.97 8.90 26.35
C PRO A 430 -7.34 8.60 26.92
N GLU A 431 -8.23 9.59 26.97
CA GLU A 431 -9.56 9.37 27.50
C GLU A 431 -10.69 9.41 26.49
N GLY A 432 -10.33 9.53 25.21
CA GLY A 432 -11.29 9.55 24.12
C GLY A 432 -12.27 10.70 24.10
N TYR A 433 -13.29 10.59 23.25
CA TYR A 433 -14.29 11.64 23.14
C TYR A 433 -15.67 11.12 22.86
N LEU A 434 -16.65 11.87 23.35
CA LEU A 434 -18.07 11.51 23.22
C LEU A 434 -18.70 11.88 21.90
N ALA A 435 -19.22 10.87 21.21
CA ALA A 435 -19.87 11.12 19.93
C ALA A 435 -21.30 11.51 20.24
N VAL A 436 -21.75 12.62 19.66
CA VAL A 436 -23.12 13.04 19.92
C VAL A 436 -23.99 13.29 18.69
N ALA A 437 -25.28 13.46 18.96
CA ALA A 437 -26.27 13.72 17.91
C ALA A 437 -26.88 15.06 18.22
N VAL A 438 -26.55 16.07 17.42
CA VAL A 438 -27.05 17.45 17.62
C VAL A 438 -28.19 17.88 16.69
N VAL A 439 -29.11 18.67 17.26
CA VAL A 439 -30.27 19.24 16.56
C VAL A 439 -30.53 20.57 17.24
N ARG A 440 -31.39 21.40 16.64
CA ARG A 440 -31.70 22.71 17.21
C ARG A 440 -32.78 22.67 18.29
N LYS A 441 -32.59 23.44 19.36
CA LYS A 441 -33.53 23.54 20.48
C LYS A 441 -34.90 23.69 19.84
N SER A 442 -34.91 24.55 18.83
CA SER A 442 -36.05 24.88 18.02
C SER A 442 -36.89 23.67 17.60
N ASP A 443 -36.42 22.84 16.67
CA ASP A 443 -37.19 21.67 16.33
C ASP A 443 -37.25 20.82 17.62
N ALA A 444 -38.34 20.90 18.38
CA ALA A 444 -38.45 20.11 19.63
C ALA A 444 -39.27 18.85 19.34
N ASP A 445 -39.81 18.84 18.12
CA ASP A 445 -40.60 17.74 17.59
C ASP A 445 -39.66 16.53 17.58
N LEU A 446 -38.49 16.77 16.99
CA LEU A 446 -37.38 15.84 16.78
C LEU A 446 -36.81 15.06 17.98
N THR A 447 -36.71 13.73 17.83
CA THR A 447 -36.20 12.83 18.86
C THR A 447 -35.45 11.68 18.13
N TRP A 448 -34.39 11.11 18.73
CA TRP A 448 -33.62 10.03 18.06
C TRP A 448 -34.53 9.11 17.31
N ASN A 449 -35.59 8.77 18.02
CA ASN A 449 -36.61 7.89 17.52
C ASN A 449 -37.42 8.45 16.35
N SER A 450 -37.10 9.67 15.91
CA SER A 450 -37.77 10.31 14.78
C SER A 450 -36.82 10.71 13.64
N LEU A 451 -35.57 10.23 13.67
CA LEU A 451 -34.64 10.62 12.62
C LEU A 451 -35.11 10.19 11.24
N SER A 452 -35.82 9.06 11.20
CA SER A 452 -36.36 8.47 9.96
C SER A 452 -36.92 9.50 8.99
N GLY A 453 -36.31 9.59 7.82
CA GLY A 453 -36.76 10.53 6.82
C GLY A 453 -36.30 11.96 7.05
N LYS A 454 -35.52 12.21 8.08
CA LYS A 454 -35.08 13.58 8.28
C LYS A 454 -33.71 13.82 7.64
N LYS A 455 -33.27 15.08 7.54
CA LYS A 455 -31.98 15.39 6.92
C LYS A 455 -30.77 15.22 7.82
N SER A 456 -29.71 14.61 7.32
CA SER A 456 -28.55 14.41 8.16
C SER A 456 -27.23 15.01 7.67
N CYS A 457 -26.44 15.45 8.64
CA CYS A 457 -25.14 16.04 8.39
C CYS A 457 -24.08 15.17 9.07
N HIS A 458 -23.21 14.55 8.28
CA HIS A 458 -22.16 13.67 8.80
C HIS A 458 -20.76 14.23 8.57
N THR A 459 -19.84 13.95 9.48
CA THR A 459 -18.51 14.46 9.31
C THR A 459 -17.96 13.87 8.03
N GLY A 460 -18.31 12.62 7.73
CA GLY A 460 -17.83 11.96 6.51
C GLY A 460 -17.99 10.46 6.65
N VAL A 461 -18.00 9.73 5.53
CA VAL A 461 -18.17 8.28 5.67
C VAL A 461 -16.89 7.63 6.14
N GLY A 462 -17.01 6.66 7.04
CA GLY A 462 -15.84 5.95 7.52
C GLY A 462 -15.39 6.40 8.88
N ARG A 463 -15.81 7.59 9.26
CA ARG A 463 -15.42 8.17 10.54
C ARG A 463 -16.27 7.76 11.76
N THR A 464 -15.62 7.71 12.91
CA THR A 464 -16.24 7.32 14.16
C THR A 464 -17.46 8.13 14.63
N ALA A 465 -17.19 9.29 15.21
CA ALA A 465 -18.26 10.15 15.71
C ALA A 465 -19.43 10.29 14.75
N ALA A 466 -19.14 10.51 13.47
CA ALA A 466 -20.22 10.60 12.49
C ALA A 466 -20.51 9.15 12.08
N TRP A 467 -20.62 8.87 10.78
CA TRP A 467 -20.93 7.53 10.27
C TRP A 467 -20.91 6.27 11.20
N ASN A 468 -19.75 5.61 11.30
CA ASN A 468 -19.55 4.41 12.12
C ASN A 468 -20.43 4.22 13.34
N ILE A 469 -20.46 5.23 14.21
CA ILE A 469 -21.23 5.14 15.43
C ILE A 469 -22.75 5.33 15.29
N PRO A 470 -23.24 6.34 14.52
CA PRO A 470 -24.70 6.46 14.40
C PRO A 470 -25.24 5.35 13.46
N MET A 471 -24.60 5.20 12.31
CA MET A 471 -25.01 4.18 11.36
C MET A 471 -24.90 2.78 11.97
N GLY A 472 -24.02 2.65 12.96
CA GLY A 472 -23.86 1.36 13.59
C GLY A 472 -25.10 1.06 14.41
N LEU A 473 -25.52 2.07 15.18
CA LEU A 473 -26.68 1.93 16.04
C LEU A 473 -27.98 1.90 15.27
N LEU A 474 -28.03 2.52 14.08
CA LEU A 474 -29.25 2.50 13.28
C LEU A 474 -29.43 1.18 12.54
N PHE A 475 -28.34 0.65 12.02
CA PHE A 475 -28.38 -0.60 11.30
C PHE A 475 -28.93 -1.66 12.27
N ASN A 476 -28.67 -1.50 13.56
CA ASN A 476 -29.14 -2.43 14.58
C ASN A 476 -30.67 -2.36 14.72
N GLN A 477 -31.22 -1.16 14.58
CA GLN A 477 -32.66 -0.92 14.70
C GLN A 477 -33.47 -1.21 13.44
N THR A 478 -32.87 -1.04 12.26
CA THR A 478 -33.61 -1.28 11.01
C THR A 478 -33.17 -2.50 10.21
N GLY A 479 -32.07 -3.12 10.61
CA GLY A 479 -31.59 -4.30 9.91
C GLY A 479 -31.47 -4.13 8.40
N SER A 480 -31.38 -2.87 7.97
CA SER A 480 -31.29 -2.55 6.56
C SER A 480 -29.94 -2.00 6.15
N CYS A 481 -29.39 -2.54 5.07
CA CYS A 481 -28.09 -2.09 4.55
C CYS A 481 -28.25 -0.90 3.62
N LYS A 482 -29.47 -0.54 3.31
CA LYS A 482 -29.69 0.60 2.42
C LYS A 482 -29.48 1.87 3.24
N PHE A 483 -28.21 2.24 3.44
CA PHE A 483 -27.88 3.42 4.24
C PHE A 483 -28.31 4.73 3.58
N ASP A 484 -28.47 4.71 2.26
CA ASP A 484 -28.86 5.93 1.57
C ASP A 484 -30.36 6.20 1.52
N LYS A 485 -31.13 5.39 2.26
CA LYS A 485 -32.59 5.57 2.31
C LYS A 485 -33.15 5.92 3.69
N PHE A 486 -32.38 5.78 4.76
CA PHE A 486 -32.93 6.12 6.07
C PHE A 486 -33.19 7.62 6.15
N PHE A 487 -32.13 8.42 6.08
CA PHE A 487 -32.27 9.86 6.12
C PHE A 487 -32.75 10.30 4.73
N SER A 488 -33.72 11.19 4.69
CA SER A 488 -34.27 11.69 3.44
C SER A 488 -33.20 12.21 2.50
N GLN A 489 -32.38 13.11 3.01
CA GLN A 489 -31.26 13.66 2.25
C GLN A 489 -30.18 13.87 3.28
N SER A 490 -28.94 13.89 2.84
CA SER A 490 -27.86 14.05 3.79
C SER A 490 -26.60 14.56 3.11
N CYS A 491 -25.63 14.97 3.91
CA CYS A 491 -24.36 15.38 3.36
C CYS A 491 -23.35 14.56 4.13
N ALA A 492 -22.63 13.70 3.42
CA ALA A 492 -21.65 12.85 4.04
C ALA A 492 -20.49 12.73 3.07
N PRO A 493 -19.56 13.68 3.11
CA PRO A 493 -18.43 13.64 2.19
C PRO A 493 -17.83 12.26 2.11
N GLY A 494 -17.58 11.83 0.87
CA GLY A 494 -17.01 10.51 0.61
C GLY A 494 -17.96 9.56 -0.09
N ALA A 495 -19.26 9.82 0.01
CA ALA A 495 -20.25 8.96 -0.62
C ALA A 495 -20.32 9.12 -2.14
N ASP A 496 -21.19 8.31 -2.76
CA ASP A 496 -21.44 8.32 -4.22
C ASP A 496 -22.04 9.68 -4.53
N PRO A 497 -21.32 10.53 -5.28
CA PRO A 497 -21.75 11.87 -5.67
C PRO A 497 -23.17 12.00 -6.23
N GLN A 498 -23.74 10.87 -6.65
CA GLN A 498 -25.11 10.85 -7.17
C GLN A 498 -26.11 10.30 -6.15
N SER A 499 -25.66 9.96 -4.94
CA SER A 499 -26.58 9.42 -3.94
C SER A 499 -27.14 10.49 -2.99
N SER A 500 -28.26 10.20 -2.32
CA SER A 500 -28.83 11.19 -1.42
C SER A 500 -27.85 11.57 -0.31
N LEU A 501 -26.87 10.72 -0.03
CA LEU A 501 -25.88 11.00 1.01
C LEU A 501 -25.03 12.23 0.70
N CYS A 502 -25.03 12.64 -0.57
CA CYS A 502 -24.28 13.81 -1.00
C CYS A 502 -25.18 14.97 -1.35
N ALA A 503 -26.47 14.80 -1.11
CA ALA A 503 -27.42 15.84 -1.45
C ALA A 503 -27.18 17.21 -0.80
N LEU A 504 -27.01 17.22 0.52
CA LEU A 504 -26.85 18.48 1.24
C LEU A 504 -25.47 19.11 1.20
N CYS A 505 -24.47 18.36 0.74
CA CYS A 505 -23.11 18.87 0.67
C CYS A 505 -23.00 20.09 -0.25
N VAL A 506 -22.05 20.97 0.07
CA VAL A 506 -21.88 22.22 -0.67
C VAL A 506 -20.56 22.52 -1.45
N GLY A 507 -19.49 21.71 -1.35
CA GLY A 507 -18.25 21.98 -2.11
C GLY A 507 -17.48 23.24 -1.72
N ASN A 508 -16.45 23.75 -2.46
CA ASN A 508 -15.85 25.00 -1.92
C ASN A 508 -16.84 26.08 -2.12
N ASN A 509 -16.24 27.26 -2.10
CA ASN A 509 -16.86 28.54 -2.26
C ASN A 509 -17.47 28.71 -3.64
N GLU A 510 -16.78 28.28 -4.69
CA GLU A 510 -17.37 28.38 -6.02
C GLU A 510 -18.10 27.08 -6.34
N ASN A 511 -18.68 26.49 -5.31
CA ASN A 511 -19.42 25.24 -5.38
C ASN A 511 -18.87 24.09 -6.22
N GLU A 512 -17.55 23.93 -6.22
CA GLU A 512 -16.88 22.82 -6.91
C GLU A 512 -16.52 21.77 -5.85
N ASN A 513 -16.26 20.55 -6.33
CA ASN A 513 -15.92 19.40 -5.49
C ASN A 513 -16.88 19.21 -4.32
N LYS A 514 -18.13 19.02 -4.70
CA LYS A 514 -19.25 18.77 -3.81
C LYS A 514 -19.05 17.37 -3.24
N CYS A 515 -19.16 17.23 -1.92
CA CYS A 515 -19.04 15.92 -1.27
C CYS A 515 -17.68 15.26 -1.15
N MET A 516 -16.64 15.90 -1.69
CA MET A 516 -15.30 15.34 -1.61
C MET A 516 -14.94 15.16 -0.13
N PRO A 517 -14.30 14.05 0.23
CA PRO A 517 -13.98 13.89 1.65
C PRO A 517 -12.69 14.54 2.11
N ASN A 518 -12.68 15.88 2.15
CA ASN A 518 -11.56 16.67 2.66
C ASN A 518 -11.97 18.13 2.86
N SER A 519 -11.10 18.94 3.46
CA SER A 519 -11.42 20.33 3.76
C SER A 519 -12.08 21.21 2.70
N GLU A 520 -11.81 20.93 1.43
CA GLU A 520 -12.35 21.66 0.28
C GLU A 520 -13.91 21.67 0.34
N GLU A 521 -14.52 20.65 0.95
CA GLU A 521 -15.98 20.61 1.11
C GLU A 521 -16.25 21.31 2.45
N ARG A 522 -16.86 22.50 2.38
CA ARG A 522 -17.14 23.34 3.55
C ARG A 522 -18.01 22.74 4.65
N TYR A 523 -18.81 21.75 4.30
CA TYR A 523 -19.67 21.10 5.26
C TYR A 523 -18.99 19.77 5.69
N TYR A 524 -17.67 19.66 5.50
CA TYR A 524 -16.86 18.46 5.88
C TYR A 524 -16.35 18.56 7.30
N GLY A 525 -16.18 17.42 7.95
CA GLY A 525 -15.64 17.39 9.30
C GLY A 525 -16.56 17.75 10.45
N TYR A 526 -16.01 17.68 11.66
CA TYR A 526 -16.77 18.01 12.85
C TYR A 526 -17.35 19.38 12.62
N THR A 527 -16.47 20.30 12.26
CA THR A 527 -16.85 21.67 12.03
C THR A 527 -17.82 21.78 10.88
N GLY A 528 -17.53 21.10 9.79
CA GLY A 528 -18.41 21.14 8.64
C GLY A 528 -19.78 20.57 8.91
N ALA A 529 -19.81 19.44 9.60
CA ALA A 529 -21.08 18.80 9.92
C ALA A 529 -21.92 19.78 10.74
N PHE A 530 -21.33 20.25 11.83
CA PHE A 530 -22.03 21.17 12.70
C PHE A 530 -22.60 22.36 11.92
N ARG A 531 -21.81 22.89 11.00
CA ARG A 531 -22.25 24.03 10.21
C ARG A 531 -23.44 23.67 9.35
N CYS A 532 -23.40 22.47 8.79
CA CYS A 532 -24.48 21.99 7.95
C CYS A 532 -25.76 22.08 8.77
N LEU A 533 -25.61 22.08 10.09
CA LEU A 533 -26.73 22.16 11.03
C LEU A 533 -27.12 23.62 11.20
N ALA A 534 -26.14 24.45 11.57
CA ALA A 534 -26.36 25.88 11.78
C ALA A 534 -26.96 26.59 10.57
N GLU A 535 -26.47 26.27 9.37
CA GLU A 535 -27.00 26.89 8.16
C GLU A 535 -28.32 26.22 7.74
N LYS A 536 -28.85 25.40 8.66
CA LYS A 536 -30.12 24.69 8.45
C LYS A 536 -30.22 23.84 7.18
N ALA A 537 -29.10 23.30 6.71
CA ALA A 537 -29.15 22.48 5.51
C ALA A 537 -29.55 21.09 5.93
N GLY A 538 -29.30 20.77 7.20
CA GLY A 538 -29.65 19.47 7.74
C GLY A 538 -30.43 19.63 9.03
N ASP A 539 -31.05 18.56 9.51
CA ASP A 539 -31.83 18.63 10.74
C ASP A 539 -31.08 18.05 11.96
N VAL A 540 -30.22 17.06 11.75
CA VAL A 540 -29.46 16.45 12.84
C VAL A 540 -27.99 16.37 12.44
N ALA A 541 -27.07 16.58 13.37
CA ALA A 541 -25.65 16.50 13.01
C ALA A 541 -24.90 15.55 13.93
N PHE A 542 -24.09 14.70 13.33
CA PHE A 542 -23.34 13.75 14.12
C PHE A 542 -21.93 14.27 14.29
N VAL A 543 -21.60 14.61 15.53
CA VAL A 543 -20.29 15.15 15.86
C VAL A 543 -19.99 14.86 17.33
N LYS A 544 -18.86 15.36 17.82
CA LYS A 544 -18.50 15.15 19.21
C LYS A 544 -18.97 16.34 20.06
N ASP A 545 -19.23 16.09 21.34
CA ASP A 545 -19.71 17.12 22.27
C ASP A 545 -19.02 18.47 22.13
N VAL A 546 -17.70 18.47 22.21
CA VAL A 546 -16.88 19.66 22.10
C VAL A 546 -17.05 20.54 20.85
N THR A 547 -17.37 19.92 19.70
CA THR A 547 -17.55 20.65 18.43
C THR A 547 -18.54 21.79 18.56
N VAL A 548 -19.65 21.54 19.25
CA VAL A 548 -20.62 22.59 19.41
C VAL A 548 -19.95 23.69 20.22
N LEU A 549 -19.51 23.34 21.41
CA LEU A 549 -18.86 24.28 22.31
C LEU A 549 -17.83 25.19 21.65
N GLN A 550 -17.08 24.67 20.69
CA GLN A 550 -16.05 25.46 20.02
C GLN A 550 -16.50 26.37 18.89
N ASN A 551 -17.78 26.38 18.57
CA ASN A 551 -18.24 27.22 17.46
C ASN A 551 -19.44 28.10 17.80
N THR A 552 -19.94 27.94 19.03
CA THR A 552 -21.07 28.71 19.52
C THR A 552 -20.50 29.72 20.52
N ASP A 553 -21.33 30.65 20.96
CA ASP A 553 -20.91 31.67 21.91
C ASP A 553 -19.78 32.56 21.41
N GLY A 554 -19.73 32.75 20.09
CA GLY A 554 -18.72 33.60 19.48
C GLY A 554 -17.25 33.17 19.39
N LYS A 555 -16.94 31.97 19.86
CA LYS A 555 -15.56 31.49 19.81
C LYS A 555 -15.07 31.42 18.38
N ASN A 556 -15.95 30.98 17.49
CA ASN A 556 -15.60 30.91 16.09
C ASN A 556 -16.29 32.15 15.53
N SER A 557 -15.52 33.09 15.01
CA SER A 557 -16.15 34.29 14.49
C SER A 557 -16.35 34.32 12.98
N GLU A 558 -16.33 33.15 12.35
CA GLU A 558 -16.59 33.11 10.92
C GLU A 558 -18.08 33.48 10.86
N PRO A 559 -18.48 34.30 9.87
CA PRO A 559 -19.86 34.75 9.69
C PRO A 559 -20.97 33.81 10.18
N TRP A 560 -21.04 32.62 9.60
CA TRP A 560 -22.07 31.62 9.95
C TRP A 560 -22.01 31.22 11.43
N ALA A 561 -20.88 31.47 12.06
CA ALA A 561 -20.68 31.12 13.45
C ALA A 561 -21.11 32.24 14.35
N LYS A 562 -20.23 33.22 14.46
CA LYS A 562 -20.42 34.42 15.26
C LYS A 562 -21.60 34.41 16.24
N ASP A 563 -22.80 34.61 15.72
CA ASP A 563 -24.04 34.66 16.52
C ASP A 563 -24.55 33.39 17.20
N LEU A 564 -24.01 32.22 16.89
CA LEU A 564 -24.60 31.04 17.52
C LEU A 564 -24.38 30.94 19.03
N LYS A 565 -25.25 30.16 19.69
CA LYS A 565 -25.20 29.99 21.14
C LYS A 565 -25.46 28.57 21.66
N GLN A 566 -24.65 28.17 22.63
CA GLN A 566 -24.70 26.87 23.31
C GLN A 566 -26.16 26.56 23.59
N GLU A 567 -26.89 27.66 23.78
CA GLU A 567 -28.28 27.65 24.10
C GLU A 567 -29.20 27.16 22.95
N ASP A 568 -28.87 27.55 21.72
CA ASP A 568 -29.63 27.15 20.50
C ASP A 568 -29.58 25.65 20.15
N PHE A 569 -28.71 24.90 20.82
CA PHE A 569 -28.57 23.49 20.51
C PHE A 569 -28.69 22.50 21.66
N GLU A 570 -29.37 21.38 21.40
CA GLU A 570 -29.49 20.32 22.39
C GLU A 570 -29.24 18.95 21.75
N LEU A 571 -28.83 17.97 22.56
CA LEU A 571 -28.51 16.63 22.07
C LEU A 571 -29.68 15.63 22.20
N LEU A 572 -29.67 14.63 21.32
CA LEU A 572 -30.70 13.58 21.33
C LEU A 572 -30.11 12.37 22.01
N CYS A 573 -30.67 12.00 23.16
CA CYS A 573 -30.19 10.86 23.92
C CYS A 573 -30.88 9.61 23.40
N LEU A 574 -30.19 8.48 23.53
CA LEU A 574 -30.70 7.22 23.03
C LEU A 574 -32.04 6.82 23.60
N ASP A 575 -32.39 7.34 24.77
CA ASP A 575 -33.67 6.98 25.35
C ASP A 575 -34.73 8.02 25.01
N GLY A 576 -34.69 8.54 23.79
CA GLY A 576 -35.69 9.53 23.37
C GLY A 576 -35.69 10.85 24.14
N THR A 577 -34.81 10.96 25.13
CA THR A 577 -34.71 12.17 25.93
C THR A 577 -33.90 13.23 25.15
N ARG A 578 -33.78 14.44 25.71
CA ARG A 578 -33.00 15.53 25.11
C ARG A 578 -32.33 16.33 26.25
N LYS A 579 -31.02 16.57 26.15
CA LYS A 579 -30.33 17.33 27.18
C LYS A 579 -29.57 18.48 26.55
N PRO A 580 -29.18 19.50 27.34
CA PRO A 580 -28.44 20.63 26.76
C PRO A 580 -27.07 20.11 26.29
N VAL A 581 -26.41 20.85 25.42
CA VAL A 581 -25.13 20.35 24.94
C VAL A 581 -24.19 20.03 26.09
N ALA A 582 -24.44 20.61 27.25
CA ALA A 582 -23.56 20.36 28.39
C ALA A 582 -23.76 19.00 29.08
N GLU A 583 -24.95 18.41 28.97
CA GLU A 583 -25.21 17.12 29.63
C GLU A 583 -24.84 15.92 28.76
N ALA A 584 -23.96 16.15 27.79
CA ALA A 584 -23.50 15.10 26.91
C ALA A 584 -23.01 13.84 27.64
N GLU A 585 -22.36 14.00 28.80
CA GLU A 585 -21.84 12.84 29.55
C GLU A 585 -22.97 11.88 29.91
N SER A 586 -24.20 12.37 29.89
CA SER A 586 -25.36 11.53 30.21
C SER A 586 -26.28 11.42 29.01
N CYS A 587 -25.80 11.90 27.87
CA CYS A 587 -26.58 11.87 26.64
C CYS A 587 -25.72 11.71 25.39
N HIS A 588 -24.98 10.62 25.29
CA HIS A 588 -24.12 10.40 24.13
C HIS A 588 -24.50 9.12 23.40
N LEU A 589 -23.99 8.95 22.18
CA LEU A 589 -24.25 7.75 21.38
C LEU A 589 -23.12 6.78 21.66
N ALA A 590 -21.93 7.32 21.96
CA ALA A 590 -20.76 6.50 22.23
C ALA A 590 -19.51 7.26 22.67
N ARG A 591 -18.60 6.47 23.23
CA ARG A 591 -17.30 6.90 23.74
C ARG A 591 -16.30 6.47 22.66
N ALA A 592 -15.73 7.41 21.91
CA ALA A 592 -14.79 7.07 20.81
C ALA A 592 -13.29 7.18 21.11
N PRO A 593 -12.44 6.46 20.36
CA PRO A 593 -11.00 6.54 20.61
C PRO A 593 -10.43 7.83 20.01
N ASN A 594 -9.59 8.54 20.75
CA ASN A 594 -9.02 9.78 20.23
C ASN A 594 -8.39 9.40 18.89
N HIS A 595 -8.16 10.36 18.00
CA HIS A 595 -7.57 10.04 16.70
C HIS A 595 -6.16 9.59 16.95
N ALA A 596 -5.45 9.12 15.94
CA ALA A 596 -4.10 8.71 16.22
C ALA A 596 -3.20 8.77 15.02
N VAL A 597 -1.91 8.95 15.28
CA VAL A 597 -0.95 8.97 14.19
C VAL A 597 -0.64 7.49 13.91
N VAL A 598 -0.44 7.15 12.65
CA VAL A 598 -0.10 5.77 12.33
C VAL A 598 1.05 5.77 11.36
N SER A 599 1.76 4.66 11.28
CA SER A 599 2.88 4.54 10.36
C SER A 599 3.20 3.07 10.26
N GLN A 600 4.18 2.72 9.43
CA GLN A 600 4.56 1.33 9.28
C GLN A 600 5.35 1.07 10.57
N SER A 601 5.11 -0.10 11.18
CA SER A 601 5.73 -0.53 12.43
C SER A 601 7.25 -0.32 12.49
N ASP A 602 7.82 -0.25 11.29
CA ASP A 602 9.25 -0.05 11.03
C ASP A 602 9.68 1.36 11.45
N ARG A 603 8.99 2.34 10.88
CA ARG A 603 9.19 3.76 11.07
C ARG A 603 8.72 4.36 12.41
N ALA A 604 7.85 3.63 13.10
CA ALA A 604 7.26 4.05 14.36
C ALA A 604 8.15 4.77 15.38
N GLN A 605 9.25 4.12 15.77
CA GLN A 605 10.15 4.70 16.77
C GLN A 605 10.79 6.02 16.33
N HIS A 606 11.27 6.07 15.09
CA HIS A 606 11.88 7.29 14.57
C HIS A 606 10.80 8.36 14.56
N LEU A 607 9.65 8.00 13.99
CA LEU A 607 8.49 8.86 13.87
C LEU A 607 8.15 9.52 15.21
N LYS A 608 8.20 8.71 16.26
CA LYS A 608 7.92 9.15 17.61
C LYS A 608 8.89 10.25 18.02
N LYS A 609 10.18 9.94 17.94
CA LYS A 609 11.25 10.86 18.32
C LYS A 609 11.07 12.21 17.63
N VAL A 610 10.96 12.21 16.30
CA VAL A 610 10.78 13.43 15.53
C VAL A 610 9.54 14.19 15.96
N LEU A 611 8.49 13.45 16.32
CA LEU A 611 7.26 14.08 16.76
C LEU A 611 7.32 14.63 18.18
N PHE A 612 8.06 13.98 19.06
CA PHE A 612 8.17 14.49 20.42
C PHE A 612 8.88 15.84 20.36
N LEU A 613 9.91 15.92 19.52
CA LEU A 613 10.65 17.16 19.38
C LEU A 613 9.78 18.23 18.73
N GLN A 614 9.28 17.91 17.53
CA GLN A 614 8.47 18.86 16.80
C GLN A 614 7.36 19.47 17.62
N GLN A 615 6.69 18.67 18.45
CA GLN A 615 5.60 19.20 19.27
C GLN A 615 6.08 19.90 20.54
N ASP A 616 7.33 19.68 20.92
CA ASP A 616 7.88 20.33 22.09
C ASP A 616 8.27 21.74 21.65
N GLN A 617 8.56 21.87 20.37
CA GLN A 617 8.96 23.12 19.73
C GLN A 617 7.71 23.93 19.33
N PHE A 618 6.69 23.28 18.73
CA PHE A 618 5.48 23.99 18.30
C PHE A 618 4.16 23.42 18.83
N GLY A 619 4.23 22.63 19.90
CA GLY A 619 3.05 22.03 20.48
C GLY A 619 2.14 22.96 21.23
N GLY A 620 1.39 22.40 22.18
CA GLY A 620 0.46 23.20 22.96
C GLY A 620 1.16 24.10 23.95
N ASN A 621 2.42 23.80 24.20
CA ASN A 621 3.22 24.58 25.13
C ASN A 621 4.43 25.01 24.34
N GLY A 622 4.29 24.94 23.02
CA GLY A 622 5.39 25.32 22.15
C GLY A 622 5.88 26.73 22.37
N PRO A 623 7.18 26.89 22.67
CA PRO A 623 7.79 28.20 22.90
C PRO A 623 7.62 29.05 21.65
N ASP A 624 7.76 28.40 20.50
CA ASP A 624 7.61 29.11 19.26
C ASP A 624 6.23 28.88 18.69
N CYS A 625 5.26 28.48 19.53
CA CYS A 625 3.90 28.25 19.03
C CYS A 625 3.18 29.53 18.59
N PRO A 626 2.83 30.43 19.52
CA PRO A 626 2.16 31.63 19.00
C PRO A 626 3.15 32.30 18.05
N GLY A 627 4.40 32.35 18.51
CA GLY A 627 5.50 32.93 17.77
C GLY A 627 5.57 32.59 16.30
N LYS A 628 6.12 31.42 15.94
CA LYS A 628 6.25 31.01 14.53
C LYS A 628 5.38 29.89 13.93
N PHE A 629 4.86 28.97 14.74
CA PHE A 629 3.98 27.88 14.24
C PHE A 629 3.40 27.14 15.40
N CYS A 630 2.12 26.82 15.33
CA CYS A 630 1.48 26.02 16.37
C CYS A 630 1.03 24.81 15.57
N LEU A 631 1.53 23.67 15.96
CA LEU A 631 1.21 22.46 15.24
C LEU A 631 -0.22 22.09 15.42
N PHE A 632 -0.77 22.41 16.58
CA PHE A 632 -2.15 22.07 16.90
C PHE A 632 -3.21 23.15 16.79
N LYS A 633 -2.99 24.12 15.89
CA LYS A 633 -3.98 25.17 15.69
C LYS A 633 -4.12 25.46 14.20
N SER A 634 -5.31 25.84 13.78
CA SER A 634 -5.54 26.11 12.37
C SER A 634 -6.82 26.89 12.09
N GLU A 635 -7.18 27.80 12.98
CA GLU A 635 -8.36 28.61 12.72
C GLU A 635 -9.65 27.72 12.62
N THR A 636 -9.86 26.86 13.62
CA THR A 636 -11.05 25.97 13.68
C THR A 636 -11.31 25.11 12.46
N LYS A 637 -10.30 24.90 11.63
CA LYS A 637 -10.49 24.09 10.44
C LYS A 637 -9.99 22.68 10.73
N ASN A 638 -9.42 22.51 11.93
CA ASN A 638 -8.87 21.24 12.39
C ASN A 638 -7.90 20.53 11.42
N LEU A 639 -7.05 21.34 10.77
CA LEU A 639 -6.07 20.85 9.80
C LEU A 639 -5.00 19.98 10.45
N LEU A 640 -4.60 18.90 9.79
CA LEU A 640 -3.58 17.98 10.30
C LEU A 640 -3.89 17.27 11.63
N PHE A 641 -4.36 18.01 12.62
CA PHE A 641 -4.73 17.49 13.95
C PHE A 641 -5.90 18.35 14.44
N ASN A 642 -6.56 17.90 15.49
CA ASN A 642 -7.66 18.69 16.02
C ASN A 642 -7.11 19.97 16.64
N ASP A 643 -7.89 21.06 16.59
CA ASP A 643 -7.46 22.34 17.17
C ASP A 643 -7.41 22.34 18.69
N ASN A 644 -8.05 21.36 19.32
CA ASN A 644 -8.03 21.31 20.77
C ASN A 644 -6.98 20.37 21.29
N THR A 645 -6.10 19.93 20.39
CA THR A 645 -5.05 18.99 20.78
C THR A 645 -4.04 19.66 21.69
N GLU A 646 -3.71 18.99 22.78
CA GLU A 646 -2.77 19.52 23.74
C GLU A 646 -1.41 18.93 23.39
N CYS A 647 -1.40 17.63 23.16
CA CYS A 647 -0.16 16.95 22.83
C CYS A 647 -0.47 15.56 22.27
N LEU A 648 0.54 14.94 21.67
CA LEU A 648 0.38 13.59 21.15
C LEU A 648 0.99 12.71 22.24
N ALA A 649 0.17 11.86 22.87
CA ALA A 649 0.61 11.00 23.94
C ALA A 649 1.03 9.57 23.58
N GLU A 650 1.41 8.81 24.61
CA GLU A 650 1.81 7.41 24.51
C GLU A 650 0.53 6.57 24.50
N LEU A 651 0.58 5.42 23.83
CA LEU A 651 -0.56 4.52 23.68
C LEU A 651 -0.99 3.70 24.88
N GLN A 652 -0.20 3.77 25.95
CA GLN A 652 -0.50 3.03 27.18
C GLN A 652 -0.53 1.54 26.89
N GLY A 653 0.36 1.06 26.02
CA GLY A 653 0.35 -0.37 25.73
C GLY A 653 -0.55 -0.77 24.57
N LYS A 654 -1.61 0.00 24.32
CA LYS A 654 -2.50 -0.30 23.21
C LYS A 654 -1.69 0.06 21.96
N THR A 655 -0.89 -0.91 21.50
CA THR A 655 -0.01 -0.72 20.34
C THR A 655 -0.50 -1.27 18.97
N THR A 656 -1.50 -2.15 19.03
CA THR A 656 -2.07 -2.73 17.81
C THR A 656 -3.42 -2.03 17.63
N TYR A 657 -3.96 -2.05 16.43
CA TYR A 657 -5.22 -1.36 16.18
C TYR A 657 -6.35 -1.95 17.00
N GLU A 658 -6.35 -3.27 17.14
CA GLU A 658 -7.36 -3.97 17.91
C GLU A 658 -7.28 -3.53 19.36
N GLN A 659 -6.06 -3.52 19.90
CA GLN A 659 -5.86 -3.11 21.28
C GLN A 659 -6.30 -1.63 21.45
N TYR A 660 -5.91 -0.76 20.53
CA TYR A 660 -6.26 0.65 20.63
C TYR A 660 -7.76 0.95 20.48
N LEU A 661 -8.35 0.55 19.36
CA LEU A 661 -9.78 0.80 19.15
C LEU A 661 -10.61 0.06 20.18
N GLY A 662 -10.12 -1.09 20.59
CA GLY A 662 -10.85 -1.87 21.58
C GLY A 662 -11.75 -2.91 20.94
N SER A 663 -12.12 -3.92 21.73
CA SER A 663 -12.97 -5.02 21.30
C SER A 663 -14.19 -4.59 20.51
N GLU A 664 -15.15 -4.06 21.26
CA GLU A 664 -16.43 -3.55 20.81
C GLU A 664 -16.41 -2.95 19.42
N TYR A 665 -15.96 -1.70 19.38
CA TYR A 665 -15.86 -0.91 18.16
C TYR A 665 -15.29 -1.68 16.99
N VAL A 666 -14.24 -2.45 17.23
CA VAL A 666 -13.66 -3.20 16.15
C VAL A 666 -14.76 -4.11 15.61
N THR A 667 -15.49 -4.77 16.50
CA THR A 667 -16.56 -5.68 16.09
C THR A 667 -17.71 -4.97 15.39
N SER A 668 -18.05 -3.80 15.91
CA SER A 668 -19.14 -3.00 15.36
C SER A 668 -18.78 -2.59 13.94
N ILE A 669 -17.52 -2.24 13.74
CA ILE A 669 -17.07 -1.83 12.43
C ILE A 669 -17.14 -3.00 11.47
N THR A 670 -16.94 -4.21 11.99
CA THR A 670 -16.98 -5.40 11.16
C THR A 670 -18.42 -5.74 10.77
N ASN A 671 -19.36 -5.53 11.67
CA ASN A 671 -20.74 -5.82 11.33
C ASN A 671 -21.21 -4.87 10.24
N LEU A 672 -20.68 -3.65 10.24
CA LEU A 672 -21.04 -2.66 9.22
C LEU A 672 -20.47 -3.03 7.85
N ARG A 673 -19.32 -3.72 7.85
CA ARG A 673 -18.63 -4.15 6.62
C ARG A 673 -19.60 -5.12 5.88
N ARG A 674 -20.41 -5.84 6.65
CA ARG A 674 -21.41 -6.77 6.13
C ARG A 674 -22.25 -6.06 5.06
N CYS A 675 -22.40 -4.75 5.20
CA CYS A 675 -23.18 -3.97 4.25
C CYS A 675 -22.31 -3.42 3.16
N SER A 676 -21.26 -2.71 3.57
CA SER A 676 -20.36 -2.11 2.60
C SER A 676 -18.91 -2.27 2.99
N SER A 677 -18.07 -2.47 1.98
CA SER A 677 -16.64 -2.63 2.16
C SER A 677 -15.98 -1.56 1.28
N SER A 678 -14.71 -1.25 1.57
CA SER A 678 -13.96 -0.25 0.82
C SER A 678 -12.91 -0.92 -0.07
N PRO A 679 -12.64 -0.33 -1.25
CA PRO A 679 -11.64 -0.93 -2.13
C PRO A 679 -10.25 -1.08 -1.47
N LEU A 680 -9.90 -0.12 -0.61
CA LEU A 680 -8.63 -0.12 0.10
C LEU A 680 -8.63 -1.33 1.03
N LEU A 681 -9.76 -1.54 1.70
CA LEU A 681 -9.95 -2.67 2.63
C LEU A 681 -9.66 -4.00 1.92
N GLU A 682 -10.12 -4.08 0.68
CA GLU A 682 -9.96 -5.30 -0.10
C GLU A 682 -8.56 -5.44 -0.61
N ALA A 683 -8.03 -4.38 -1.18
CA ALA A 683 -6.68 -4.41 -1.71
C ALA A 683 -5.74 -4.94 -0.62
N CYS A 684 -5.98 -4.50 0.60
CA CYS A 684 -5.16 -4.91 1.70
C CYS A 684 -5.43 -6.37 2.09
N ALA A 685 -6.66 -6.82 1.89
CA ALA A 685 -7.00 -8.20 2.24
C ALA A 685 -6.12 -9.16 1.45
N PHE A 686 -5.88 -8.79 0.20
CA PHE A 686 -5.06 -9.57 -0.71
C PHE A 686 -3.57 -9.44 -0.35
N LEU A 687 -3.11 -8.20 -0.21
CA LEU A 687 -1.71 -7.96 0.12
C LEU A 687 -1.29 -8.57 1.45
N ARG A 688 -2.14 -8.44 2.47
CA ARG A 688 -1.85 -8.98 3.81
C ARG A 688 -2.24 -10.45 3.83
N ALA A 689 -2.54 -10.99 2.65
CA ALA A 689 -2.97 -12.39 2.55
C ALA A 689 -1.88 -13.45 2.72
#